data_7XVR
#
_entry.id   7XVR
#
_cell.length_a   126.513
_cell.length_b   126.513
_cell.length_c   111.173
_cell.angle_alpha   90.000
_cell.angle_beta   90.000
_cell.angle_gamma   90.000
#
_symmetry.space_group_name_H-M   'I 4'
#
loop_
_entity.id
_entity.type
_entity.pdbx_description
1 polymer Neuraminidase
2 non-polymer 'CALCIUM ION'
3 non-polymer 2-acetamido-2-deoxy-beta-D-glucopyranose
4 water water
#
_entity_poly.entity_id   1
_entity_poly.type   'polypeptide(L)'
_entity_poly.pdbx_seq_one_letter_code
;GSLVPRGSPSRSEFTEWRFPKSTCPGRSLQKMLQLNPHRHATAGSQAATIPNREPFISCSQDECRLFTLDHDVSTPGAYD
GITWEDRSKRRRLVSFPLGSELTLDNMKVHLSGWSGTACHDGKEWTYATVNGPDNSAVMRLKYGDQIRGSFPSYANNILR
TQESECVCIDGKCYIIVIDGPAGGTATPKVLVTREGEVTSEIIVTGRNKMGEECSCLATNRTWIECLCRDNAFSAKRPII
RIDTVAGTARGYLMCSDTYLDTPRPADGSITGSCETDGTSGGGGVKGAFALSRTTEATTERFYVRTVSSSARSGAVFYKT
TDDPTESNNPLTLIGTAVGGAIPMWYSFSFEIPGKVCDQTCIGLEMGLTMGHQLWTSNSVAVYCVIGDNLDWDSTTDVVP
ADIV
;
_entity_poly.pdbx_strand_id   A,B
#
# COMPACT_ATOMS: atom_id res chain seq x y z
N GLU A 16 -13.32 -10.17 -40.00
CA GLU A 16 -12.11 -9.34 -39.87
C GLU A 16 -11.51 -9.43 -38.46
N TRP A 17 -11.14 -8.29 -37.89
CA TRP A 17 -10.51 -8.26 -36.59
C TRP A 17 -11.43 -8.79 -35.49
N ARG A 18 -10.82 -9.36 -34.46
CA ARG A 18 -11.53 -9.77 -33.26
CA ARG A 18 -11.56 -9.75 -33.28
C ARG A 18 -11.76 -8.55 -32.36
N PHE A 19 -12.96 -8.47 -31.80
CA PHE A 19 -13.28 -7.45 -30.82
C PHE A 19 -14.27 -8.05 -29.82
N PRO A 20 -14.43 -7.44 -28.65
CA PRO A 20 -15.31 -8.04 -27.63
C PRO A 20 -16.78 -7.79 -27.95
N LYS A 21 -17.58 -8.87 -27.96
CA LYS A 21 -19.03 -8.81 -28.01
C LYS A 21 -19.64 -8.96 -26.62
N SER A 22 -20.91 -8.59 -26.52
CA SER A 22 -21.71 -8.96 -25.36
C SER A 22 -21.65 -10.48 -25.14
N THR A 23 -21.76 -10.90 -23.89
CA THR A 23 -21.63 -12.32 -23.58
C THR A 23 -22.96 -13.08 -23.59
N CYS A 24 -22.84 -14.39 -23.76
CA CYS A 24 -24.00 -15.24 -23.70
CA CYS A 24 -23.97 -15.31 -23.67
C CYS A 24 -24.62 -15.19 -22.29
N PRO A 25 -25.94 -15.21 -22.19
CA PRO A 25 -26.59 -15.16 -20.87
C PRO A 25 -26.15 -16.30 -19.97
N GLY A 26 -25.93 -16.00 -18.70
CA GLY A 26 -25.46 -16.99 -17.77
C GLY A 26 -25.22 -16.38 -16.41
N ARG A 27 -25.50 -17.11 -15.36
CA ARG A 27 -25.53 -16.55 -14.01
C ARG A 27 -24.76 -17.40 -13.01
N SER A 28 -23.87 -18.26 -13.50
CA SER A 28 -23.17 -19.21 -12.65
C SER A 28 -22.07 -19.83 -13.49
N LEU A 29 -21.37 -20.80 -12.91
CA LEU A 29 -20.32 -21.54 -13.58
C LEU A 29 -20.68 -23.01 -13.58
N GLN A 30 -20.56 -23.66 -14.74
CA GLN A 30 -20.87 -25.07 -14.89
C GLN A 30 -19.75 -25.75 -15.68
N LYS A 31 -19.55 -27.03 -15.42
CA LYS A 31 -18.38 -27.72 -15.97
C LYS A 31 -18.53 -27.96 -17.46
N MET A 32 -17.47 -27.65 -18.21
CA MET A 32 -17.40 -28.03 -19.63
C MET A 32 -16.74 -29.40 -19.77
N LEU A 33 -15.43 -29.46 -19.54
CA LEU A 33 -14.71 -30.70 -19.76
C LEU A 33 -13.46 -30.70 -18.88
N GLN A 34 -12.78 -31.84 -18.88
CA GLN A 34 -11.55 -32.03 -18.16
C GLN A 34 -10.61 -32.88 -19.01
N LEU A 35 -9.33 -32.51 -19.02
CA LEU A 35 -8.25 -33.28 -19.60
C LEU A 35 -7.36 -33.82 -18.49
N ASN A 36 -6.98 -35.09 -18.62
CA ASN A 36 -6.35 -35.84 -17.53
C ASN A 36 -5.37 -36.85 -18.12
N PRO A 37 -4.34 -36.39 -18.85
CA PRO A 37 -3.48 -37.33 -19.61
C PRO A 37 -2.79 -38.39 -18.78
N HIS A 38 -2.47 -38.10 -17.53
CA HIS A 38 -1.63 -39.02 -16.80
C HIS A 38 -2.43 -40.16 -16.19
N ARG A 39 -3.76 -40.16 -16.37
CA ARG A 39 -4.52 -41.39 -16.20
C ARG A 39 -4.00 -42.49 -17.11
N HIS A 40 -3.37 -42.12 -18.21
CA HIS A 40 -2.86 -43.07 -19.20
C HIS A 40 -1.38 -43.42 -18.99
N ALA A 41 -0.78 -43.01 -17.86
CA ALA A 41 0.64 -43.22 -17.60
C ALA A 41 0.89 -44.20 -16.46
N THR A 42 0.00 -45.18 -16.31
CA THR A 42 0.07 -46.20 -15.28
C THR A 42 0.76 -47.45 -15.84
N ALA A 43 0.96 -48.42 -14.96
CA ALA A 43 1.56 -49.69 -15.38
C ALA A 43 0.70 -50.36 -16.45
N GLY A 44 1.34 -50.81 -17.53
CA GLY A 44 0.65 -51.47 -18.62
C GLY A 44 0.18 -50.57 -19.74
N SER A 45 0.10 -49.25 -19.52
CA SER A 45 -0.38 -48.30 -20.52
C SER A 45 0.60 -48.15 -21.69
N GLN A 46 0.07 -47.73 -22.84
CA GLN A 46 0.82 -47.60 -24.08
C GLN A 46 1.00 -46.15 -24.55
N ALA A 47 0.69 -45.18 -23.71
CA ALA A 47 0.66 -43.78 -24.13
C ALA A 47 1.90 -43.05 -23.65
N ALA A 48 2.41 -42.16 -24.51
CA ALA A 48 3.46 -41.22 -24.14
C ALA A 48 2.79 -39.88 -23.82
N THR A 49 2.51 -39.64 -22.53
CA THR A 49 1.80 -38.43 -22.11
C THR A 49 2.79 -37.29 -21.86
N ILE A 50 2.28 -36.06 -21.84
CA ILE A 50 3.16 -34.88 -21.82
C ILE A 50 3.06 -34.14 -20.48
N PRO A 51 4.00 -34.34 -19.57
CA PRO A 51 3.97 -33.59 -18.32
C PRO A 51 4.21 -32.12 -18.59
N ASN A 52 3.55 -31.28 -17.82
CA ASN A 52 3.51 -29.86 -18.17
C ASN A 52 3.05 -29.06 -16.94
N ARG A 53 3.21 -27.74 -17.02
CA ARG A 53 2.73 -26.81 -16.01
C ARG A 53 2.41 -25.47 -16.66
N GLU A 54 1.71 -24.62 -15.90
CA GLU A 54 1.22 -23.32 -16.35
C GLU A 54 0.39 -23.44 -17.63
N PRO A 55 -0.69 -24.22 -17.63
CA PRO A 55 -1.51 -24.35 -18.83
C PRO A 55 -2.57 -23.26 -18.91
N PHE A 56 -3.09 -23.06 -20.11
CA PHE A 56 -4.14 -22.08 -20.33
C PHE A 56 -4.75 -22.36 -21.69
N ILE A 57 -5.90 -21.75 -21.94
CA ILE A 57 -6.62 -21.97 -23.19
C ILE A 57 -6.80 -20.63 -23.90
N SER A 58 -6.69 -20.65 -25.22
CA SER A 58 -6.96 -19.49 -26.06
C SER A 58 -7.68 -19.99 -27.31
N CYS A 59 -8.51 -19.14 -27.88
CA CYS A 59 -9.40 -19.56 -28.95
C CYS A 59 -9.36 -18.56 -30.09
N SER A 60 -9.37 -19.09 -31.30
CA SER A 60 -9.78 -18.32 -32.45
C SER A 60 -11.26 -18.60 -32.71
N GLN A 61 -11.78 -18.07 -33.80
CA GLN A 61 -13.17 -18.32 -34.15
C GLN A 61 -13.37 -19.69 -34.77
N ASP A 62 -12.30 -20.34 -35.22
CA ASP A 62 -12.34 -21.69 -35.76
C ASP A 62 -12.08 -22.77 -34.72
N GLU A 63 -11.15 -22.52 -33.80
CA GLU A 63 -10.74 -23.59 -32.89
C GLU A 63 -10.30 -23.00 -31.57
N CYS A 64 -10.44 -23.80 -30.53
CA CYS A 64 -9.85 -23.52 -29.24
C CYS A 64 -8.67 -24.44 -29.04
N ARG A 65 -7.65 -23.96 -28.32
CA ARG A 65 -6.43 -24.72 -28.12
C ARG A 65 -6.00 -24.64 -26.67
N LEU A 66 -5.44 -25.75 -26.19
CA LEU A 66 -4.86 -25.84 -24.87
C LEU A 66 -3.35 -25.61 -25.03
N PHE A 67 -2.85 -24.54 -24.42
CA PHE A 67 -1.43 -24.21 -24.43
C PHE A 67 -0.81 -24.59 -23.09
N THR A 68 0.47 -24.88 -23.09
CA THR A 68 1.14 -25.13 -21.82
C THR A 68 2.66 -25.13 -22.06
N LEU A 69 3.40 -25.17 -20.97
CA LEU A 69 4.86 -25.21 -21.04
C LEU A 69 5.31 -26.64 -20.73
N ASP A 70 5.89 -27.31 -21.74
CA ASP A 70 6.33 -28.69 -21.57
C ASP A 70 7.77 -28.71 -21.06
N HIS A 71 8.36 -29.91 -21.02
CA HIS A 71 9.75 -30.10 -20.57
C HIS A 71 10.56 -30.95 -21.53
N ASP A 72 10.15 -31.03 -22.80
CA ASP A 72 10.92 -31.75 -23.80
C ASP A 72 11.04 -33.23 -23.42
N VAL A 73 9.96 -33.78 -22.89
CA VAL A 73 10.00 -35.15 -22.39
C VAL A 73 8.58 -35.66 -22.27
N SER A 74 8.43 -36.98 -22.23
CA SER A 74 7.13 -37.61 -22.01
C SER A 74 7.21 -38.58 -20.84
N THR A 75 6.04 -38.97 -20.36
CA THR A 75 5.88 -39.78 -19.18
C THR A 75 4.99 -40.96 -19.58
N PRO A 76 5.41 -42.22 -19.33
CA PRO A 76 6.63 -42.64 -18.60
C PRO A 76 7.90 -42.36 -19.41
N GLY A 77 9.04 -42.28 -18.76
CA GLY A 77 10.27 -41.94 -19.44
C GLY A 77 11.39 -41.62 -18.48
N ALA A 78 12.63 -41.92 -18.86
CA ALA A 78 13.74 -41.78 -17.92
C ALA A 78 14.16 -40.32 -17.67
N TYR A 79 13.80 -39.39 -18.54
CA TYR A 79 14.18 -38.00 -18.34
C TYR A 79 13.09 -37.17 -17.67
N ASP A 80 11.96 -37.76 -17.28
CA ASP A 80 10.85 -36.92 -16.82
C ASP A 80 10.99 -36.44 -15.36
N GLY A 81 12.13 -36.69 -14.71
CA GLY A 81 12.36 -36.22 -13.36
C GLY A 81 12.65 -34.74 -13.24
N ILE A 82 12.79 -34.02 -14.36
CA ILE A 82 13.06 -32.58 -14.36
C ILE A 82 11.80 -31.73 -14.35
N THR A 83 10.62 -32.32 -14.33
CA THR A 83 9.40 -31.57 -14.61
C THR A 83 8.99 -30.63 -13.47
N TRP A 84 9.75 -30.61 -12.37
CA TRP A 84 9.50 -29.64 -11.30
C TRP A 84 10.13 -28.26 -11.55
N GLU A 85 11.08 -28.14 -12.48
CA GLU A 85 11.82 -26.90 -12.67
C GLU A 85 10.94 -25.80 -13.28
N ASP A 86 11.12 -24.56 -12.83
CA ASP A 86 10.32 -23.51 -13.46
C ASP A 86 10.95 -23.07 -14.77
N ARG A 87 12.28 -23.02 -14.85
CA ARG A 87 12.99 -22.45 -15.98
C ARG A 87 14.17 -23.33 -16.34
N SER A 88 14.32 -23.59 -17.63
CA SER A 88 15.42 -24.40 -18.13
C SER A 88 15.47 -24.26 -19.64
N LYS A 89 16.56 -24.76 -20.24
CA LYS A 89 16.68 -24.80 -21.69
C LYS A 89 15.78 -25.84 -22.36
N ARG A 90 15.02 -26.64 -21.59
CA ARG A 90 14.19 -27.69 -22.18
C ARG A 90 12.76 -27.25 -22.40
N ARG A 91 12.32 -26.17 -21.77
CA ARG A 91 10.90 -25.87 -21.75
C ARG A 91 10.47 -25.19 -23.05
N ARG A 92 9.27 -25.51 -23.52
CA ARG A 92 8.69 -24.91 -24.70
C ARG A 92 7.22 -24.62 -24.47
N LEU A 93 6.73 -23.57 -25.13
CA LEU A 93 5.29 -23.36 -25.27
C LEU A 93 4.76 -24.28 -26.37
N VAL A 94 3.92 -25.23 -25.99
CA VAL A 94 3.35 -26.19 -26.91
C VAL A 94 1.84 -26.03 -26.86
N SER A 95 1.14 -26.63 -27.83
CA SER A 95 -0.31 -26.60 -27.72
C SER A 95 -0.93 -27.87 -28.30
N PHE A 96 -2.21 -28.06 -27.96
CA PHE A 96 -3.00 -29.22 -28.34
C PHE A 96 -4.37 -28.67 -28.72
N PRO A 97 -5.01 -29.21 -29.75
CA PRO A 97 -6.41 -28.83 -29.98
C PRO A 97 -7.23 -29.20 -28.76
N LEU A 98 -8.17 -28.32 -28.38
CA LEU A 98 -8.90 -28.47 -27.11
C LEU A 98 -9.84 -29.66 -27.19
N GLY A 99 -9.61 -30.66 -26.35
CA GLY A 99 -10.30 -31.93 -26.46
C GLY A 99 -9.41 -33.06 -26.88
N SER A 100 -8.29 -32.76 -27.54
CA SER A 100 -7.27 -33.78 -27.75
C SER A 100 -6.58 -34.07 -26.44
N GLU A 101 -6.35 -35.35 -26.15
CA GLU A 101 -5.60 -35.63 -24.94
C GLU A 101 -4.11 -35.30 -25.14
N LEU A 102 -3.42 -35.12 -24.02
CA LEU A 102 -2.09 -34.51 -24.01
C LEU A 102 -1.02 -35.59 -24.20
N THR A 103 -0.91 -36.06 -25.44
CA THR A 103 0.08 -37.06 -25.82
C THR A 103 1.07 -36.48 -26.82
N LEU A 104 2.16 -37.21 -26.98
CA LEU A 104 3.26 -36.77 -27.84
C LEU A 104 2.78 -36.48 -29.27
N ASP A 105 2.00 -37.41 -29.85
CA ASP A 105 1.62 -37.22 -31.26
C ASP A 105 0.66 -36.04 -31.44
N ASN A 106 -0.05 -35.63 -30.40
CA ASN A 106 -1.01 -34.53 -30.54
C ASN A 106 -0.38 -33.17 -30.35
N MET A 107 0.88 -33.14 -29.90
CA MET A 107 1.52 -31.91 -29.44
C MET A 107 2.06 -31.09 -30.61
N LYS A 108 1.98 -29.77 -30.48
CA LYS A 108 2.58 -28.85 -31.43
C LYS A 108 3.50 -27.90 -30.69
N VAL A 109 4.74 -27.82 -31.11
CA VAL A 109 5.73 -26.93 -30.51
C VAL A 109 5.66 -25.60 -31.24
N HIS A 110 5.57 -24.50 -30.47
CA HIS A 110 5.52 -23.15 -31.03
C HIS A 110 6.82 -22.39 -30.82
N LEU A 111 7.26 -22.23 -29.56
CA LEU A 111 8.47 -21.50 -29.23
C LEU A 111 9.13 -22.11 -28.01
N SER A 112 10.46 -22.14 -28.01
CA SER A 112 11.19 -22.41 -26.78
C SER A 112 10.99 -21.29 -25.75
N GLY A 113 10.94 -21.66 -24.48
CA GLY A 113 10.93 -20.66 -23.41
C GLY A 113 10.16 -21.16 -22.21
N TRP A 114 10.28 -20.41 -21.12
CA TRP A 114 9.78 -20.87 -19.82
C TRP A 114 8.72 -19.96 -19.21
N SER A 115 8.17 -19.05 -19.98
CA SER A 115 7.01 -18.24 -19.61
C SER A 115 6.28 -17.96 -20.90
N GLY A 116 4.96 -18.07 -20.91
CA GLY A 116 4.26 -18.01 -22.18
C GLY A 116 2.91 -17.33 -22.17
N THR A 117 2.47 -16.98 -23.38
CA THR A 117 1.14 -16.44 -23.62
C THR A 117 0.86 -16.57 -25.11
N ALA A 118 -0.43 -16.46 -25.46
CA ALA A 118 -0.86 -16.61 -26.85
C ALA A 118 -2.27 -16.03 -26.98
N CYS A 119 -2.57 -15.50 -28.16
CA CYS A 119 -3.91 -14.98 -28.43
C CYS A 119 -4.08 -14.81 -29.94
N HIS A 120 -5.32 -14.94 -30.40
CA HIS A 120 -5.65 -14.84 -31.81
C HIS A 120 -6.36 -13.51 -32.06
N ASP A 121 -5.95 -12.80 -33.12
CA ASP A 121 -6.42 -11.43 -33.35
C ASP A 121 -7.53 -11.33 -34.37
N GLY A 122 -8.07 -12.47 -34.81
CA GLY A 122 -9.01 -12.53 -35.90
C GLY A 122 -8.41 -13.08 -37.18
N LYS A 123 -7.11 -12.91 -37.39
CA LYS A 123 -6.45 -13.38 -38.61
C LYS A 123 -5.32 -14.36 -38.33
N GLU A 124 -4.53 -14.16 -37.28
CA GLU A 124 -3.37 -14.99 -37.00
C GLU A 124 -3.21 -15.21 -35.51
N TRP A 125 -2.55 -16.31 -35.18
CA TRP A 125 -2.08 -16.53 -33.83
C TRP A 125 -0.86 -15.67 -33.53
N THR A 126 -0.85 -15.05 -32.36
CA THR A 126 0.35 -14.51 -31.77
C THR A 126 0.77 -15.42 -30.62
N TYR A 127 2.03 -15.86 -30.64
CA TYR A 127 2.62 -16.67 -29.58
C TYR A 127 3.80 -15.91 -28.99
N ALA A 128 3.89 -15.89 -27.67
CA ALA A 128 5.00 -15.21 -27.01
C ALA A 128 5.59 -16.08 -25.90
N THR A 129 6.91 -16.17 -25.84
CA THR A 129 7.57 -16.80 -24.73
C THR A 129 8.76 -15.94 -24.34
N VAL A 130 9.19 -16.13 -23.10
CA VAL A 130 10.46 -15.59 -22.61
C VAL A 130 11.46 -16.73 -22.59
N ASN A 131 12.69 -16.43 -23.00
CA ASN A 131 13.76 -17.39 -23.21
C ASN A 131 15.05 -16.73 -22.77
N GLY A 132 15.96 -17.50 -22.20
CA GLY A 132 17.25 -16.96 -21.83
C GLY A 132 17.57 -17.12 -20.35
N PRO A 133 18.75 -16.65 -19.96
CA PRO A 133 19.15 -16.73 -18.55
C PRO A 133 18.36 -15.72 -17.72
N ASP A 134 18.30 -16.01 -16.41
CA ASP A 134 17.47 -15.20 -15.50
C ASP A 134 17.77 -13.70 -15.64
N ASN A 135 19.05 -13.33 -15.82
CA ASN A 135 19.49 -11.93 -15.79
C ASN A 135 19.45 -11.23 -17.15
N SER A 136 19.13 -11.94 -18.22
CA SER A 136 19.00 -11.23 -19.49
C SER A 136 18.10 -11.99 -20.45
N ALA A 137 16.86 -12.22 -20.02
CA ALA A 137 15.93 -12.97 -20.84
C ALA A 137 15.32 -12.08 -21.92
N VAL A 138 14.82 -12.72 -22.98
CA VAL A 138 14.23 -12.02 -24.11
C VAL A 138 12.87 -12.64 -24.41
N MET A 139 11.86 -11.80 -24.50
CA MET A 139 10.58 -12.25 -25.04
C MET A 139 10.60 -12.16 -26.55
N ARG A 140 10.32 -13.28 -27.22
CA ARG A 140 10.11 -13.31 -28.65
C ARG A 140 8.63 -13.55 -28.93
N LEU A 141 8.12 -12.90 -29.95
CA LEU A 141 6.73 -13.02 -30.33
C LEU A 141 6.64 -13.57 -31.75
N LYS A 142 5.82 -14.60 -31.92
CA LYS A 142 5.64 -15.30 -33.18
C LYS A 142 4.24 -14.98 -33.72
N TYR A 143 4.18 -14.56 -34.98
CA TYR A 143 2.93 -14.17 -35.60
C TYR A 143 2.72 -15.05 -36.82
N GLY A 144 1.76 -15.95 -36.73
CA GLY A 144 1.66 -16.98 -37.74
C GLY A 144 2.88 -17.86 -37.64
N ASP A 145 3.71 -17.82 -38.68
CA ASP A 145 4.92 -18.64 -38.75
C ASP A 145 6.18 -17.85 -38.42
N GLN A 146 6.10 -16.52 -38.37
CA GLN A 146 7.29 -15.70 -38.26
C GLN A 146 7.47 -15.13 -36.86
N ILE A 147 8.72 -14.96 -36.46
CA ILE A 147 9.05 -14.21 -35.26
C ILE A 147 9.13 -12.75 -35.66
N ARG A 148 8.12 -11.97 -35.30
CA ARG A 148 8.02 -10.57 -35.71
C ARG A 148 8.44 -9.60 -34.63
N GLY A 149 8.49 -10.03 -33.38
CA GLY A 149 8.77 -9.13 -32.28
C GLY A 149 9.76 -9.75 -31.33
N SER A 150 10.51 -8.86 -30.67
CA SER A 150 11.47 -9.24 -29.64
C SER A 150 11.46 -8.13 -28.61
N PHE A 151 11.36 -8.48 -27.33
CA PHE A 151 11.33 -7.51 -26.25
C PHE A 151 12.31 -7.93 -25.15
N PRO A 152 13.38 -7.19 -24.92
CA PRO A 152 14.40 -7.64 -23.94
C PRO A 152 14.04 -7.29 -22.51
N SER A 153 14.68 -8.02 -21.60
CA SER A 153 14.57 -7.78 -20.18
C SER A 153 15.04 -6.36 -19.84
N TYR A 154 14.26 -5.65 -19.00
CA TYR A 154 14.51 -4.25 -18.66
C TYR A 154 14.89 -4.06 -17.20
N ALA A 155 14.64 -5.05 -16.35
CA ALA A 155 15.14 -5.07 -15.00
C ALA A 155 16.13 -6.20 -14.76
N ASN A 156 16.33 -7.08 -15.74
CA ASN A 156 17.36 -8.10 -15.69
C ASN A 156 17.15 -9.03 -14.49
N ASN A 157 15.90 -9.41 -14.24
CA ASN A 157 15.63 -10.32 -13.13
C ASN A 157 14.33 -11.08 -13.42
N ILE A 158 14.45 -12.10 -14.27
CA ILE A 158 13.38 -13.01 -14.71
C ILE A 158 12.21 -12.26 -15.35
N LEU A 159 12.44 -11.73 -16.55
CA LEU A 159 11.34 -11.27 -17.39
C LEU A 159 10.35 -12.42 -17.60
N ARG A 160 9.08 -12.16 -17.36
CA ARG A 160 8.06 -13.20 -17.37
C ARG A 160 6.72 -12.57 -17.75
N THR A 161 5.74 -13.41 -18.03
CA THR A 161 4.49 -12.94 -18.60
C THR A 161 3.34 -13.69 -17.93
N GLN A 162 2.18 -13.74 -18.60
CA GLN A 162 0.90 -14.02 -17.95
C GLN A 162 0.65 -15.49 -17.62
N GLU A 163 1.18 -16.42 -18.41
CA GLU A 163 0.81 -17.84 -18.33
C GLU A 163 -0.68 -18.03 -18.53
N SER A 164 -1.33 -17.11 -19.24
CA SER A 164 -2.69 -17.28 -19.73
C SER A 164 -2.83 -16.40 -20.97
N GLU A 165 -3.96 -16.53 -21.67
CA GLU A 165 -4.13 -15.86 -22.96
C GLU A 165 -4.04 -14.33 -22.83
N CYS A 166 -3.51 -13.70 -23.87
CA CYS A 166 -3.60 -12.25 -24.00
C CYS A 166 -4.90 -11.87 -24.70
N VAL A 167 -5.12 -10.58 -24.85
CA VAL A 167 -6.39 -10.06 -25.33
C VAL A 167 -6.11 -9.20 -26.56
N CYS A 168 -6.82 -9.48 -27.65
CA CYS A 168 -6.68 -8.73 -28.89
C CYS A 168 -7.98 -8.02 -29.19
N ILE A 169 -7.86 -6.72 -29.51
CA ILE A 169 -8.97 -5.83 -29.80
C ILE A 169 -8.59 -4.98 -31.01
N ASP A 170 -9.38 -5.04 -32.07
CA ASP A 170 -9.21 -4.18 -33.26
C ASP A 170 -7.81 -4.28 -33.88
N GLY A 171 -7.19 -5.47 -33.85
CA GLY A 171 -5.90 -5.67 -34.49
C GLY A 171 -4.69 -5.47 -33.60
N LYS A 172 -4.87 -5.01 -32.37
CA LYS A 172 -3.78 -4.87 -31.42
C LYS A 172 -3.97 -5.88 -30.29
N CYS A 173 -2.88 -6.49 -29.86
CA CYS A 173 -2.93 -7.43 -28.75
C CYS A 173 -2.19 -6.84 -27.56
N TYR A 174 -2.69 -7.13 -26.37
CA TYR A 174 -2.22 -6.53 -25.13
C TYR A 174 -1.67 -7.63 -24.25
N ILE A 175 -0.44 -7.45 -23.77
CA ILE A 175 0.29 -8.44 -22.99
C ILE A 175 0.88 -7.77 -21.74
N ILE A 176 0.65 -8.37 -20.58
CA ILE A 176 1.27 -7.89 -19.36
C ILE A 176 2.57 -8.66 -19.12
N VAL A 177 3.66 -7.93 -18.94
CA VAL A 177 4.94 -8.50 -18.55
C VAL A 177 5.34 -7.89 -17.23
N ILE A 178 6.18 -8.61 -16.51
CA ILE A 178 6.78 -8.10 -15.30
C ILE A 178 8.24 -8.54 -15.28
N ASP A 179 9.06 -7.79 -14.58
CA ASP A 179 10.49 -8.02 -14.49
C ASP A 179 10.96 -7.40 -13.19
N GLY A 180 11.68 -8.16 -12.37
CA GLY A 180 12.06 -7.69 -11.06
C GLY A 180 11.93 -8.76 -10.00
N PRO A 181 12.29 -8.42 -8.76
CA PRO A 181 12.35 -9.43 -7.69
C PRO A 181 11.00 -10.07 -7.39
N ALA A 182 11.02 -11.37 -7.11
CA ALA A 182 9.80 -12.09 -6.77
C ALA A 182 9.25 -11.72 -5.40
N GLY A 183 10.08 -11.17 -4.52
CA GLY A 183 9.68 -10.79 -3.18
C GLY A 183 9.83 -9.30 -2.92
N GLY A 184 9.72 -8.50 -3.96
CA GLY A 184 9.77 -7.07 -3.77
C GLY A 184 9.09 -6.31 -4.89
N THR A 185 9.48 -5.06 -5.10
CA THR A 185 8.82 -4.23 -6.08
C THR A 185 9.28 -4.62 -7.47
N ALA A 186 8.31 -4.94 -8.33
CA ALA A 186 8.57 -5.27 -9.72
C ALA A 186 7.44 -4.66 -10.52
N THR A 187 7.78 -3.76 -11.47
CA THR A 187 6.71 -3.01 -12.10
C THR A 187 6.25 -3.70 -13.38
N PRO A 188 4.95 -3.95 -13.54
CA PRO A 188 4.44 -4.47 -14.80
C PRO A 188 4.39 -3.42 -15.90
N LYS A 189 4.51 -3.90 -17.14
CA LYS A 189 4.22 -3.10 -18.33
C LYS A 189 3.20 -3.81 -19.19
N VAL A 190 2.44 -3.02 -19.93
CA VAL A 190 1.58 -3.53 -20.98
C VAL A 190 2.28 -3.33 -22.30
N LEU A 191 2.56 -4.43 -23.01
CA LEU A 191 3.04 -4.38 -24.38
C LEU A 191 1.87 -4.39 -25.35
N VAL A 192 1.93 -3.52 -26.34
CA VAL A 192 0.92 -3.40 -27.38
C VAL A 192 1.54 -3.91 -28.67
N THR A 193 0.96 -4.95 -29.24
CA THR A 193 1.54 -5.62 -30.40
C THR A 193 0.59 -5.55 -31.59
N ARG A 194 1.17 -5.37 -32.78
CA ARG A 194 0.44 -5.45 -34.04
C ARG A 194 1.20 -6.41 -34.93
N GLU A 195 0.52 -7.48 -35.36
CA GLU A 195 1.15 -8.58 -36.10
C GLU A 195 2.43 -9.10 -35.41
N GLY A 196 2.42 -9.14 -34.08
CA GLY A 196 3.53 -9.71 -33.35
C GLY A 196 4.68 -8.76 -33.07
N GLU A 197 4.68 -7.57 -33.67
CA GLU A 197 5.70 -6.57 -33.39
C GLU A 197 5.25 -5.66 -32.25
N VAL A 198 6.13 -5.43 -31.28
CA VAL A 198 5.86 -4.54 -30.15
C VAL A 198 5.89 -3.09 -30.65
N THR A 199 4.73 -2.45 -30.73
CA THR A 199 4.66 -1.09 -31.26
C THR A 199 4.51 -0.02 -30.18
N SER A 200 4.22 -0.40 -28.93
CA SER A 200 4.33 0.54 -27.82
C SER A 200 4.35 -0.21 -26.50
N GLU A 201 4.69 0.53 -25.44
CA GLU A 201 4.59 0.05 -24.07
C GLU A 201 3.74 1.03 -23.28
N ILE A 202 2.70 0.54 -22.64
CA ILE A 202 1.90 1.36 -21.75
C ILE A 202 2.45 1.21 -20.33
N ILE A 203 2.72 2.35 -19.70
CA ILE A 203 3.14 2.39 -18.30
C ILE A 203 1.92 2.20 -17.42
N VAL A 204 1.98 1.27 -16.48
CA VAL A 204 0.91 1.04 -15.53
C VAL A 204 1.08 2.05 -14.39
N THR A 205 0.10 2.95 -14.22
CA THR A 205 0.13 3.91 -13.13
C THR A 205 -0.64 3.39 -11.93
N GLY A 206 -0.80 4.23 -10.90
CA GLY A 206 -1.57 3.85 -9.74
C GLY A 206 -0.81 2.87 -8.85
N ARG A 207 -1.49 1.81 -8.44
CA ARG A 207 -0.90 0.77 -7.61
C ARG A 207 -0.18 -0.22 -8.53
N ASN A 208 1.14 -0.09 -8.64
CA ASN A 208 1.88 -0.79 -9.70
C ASN A 208 3.21 -1.38 -9.20
N LYS A 209 3.31 -1.79 -7.94
CA LYS A 209 4.56 -2.32 -7.44
C LYS A 209 4.64 -3.85 -7.55
N MET A 210 3.61 -4.50 -8.06
CA MET A 210 3.58 -5.94 -8.28
C MET A 210 2.47 -6.23 -9.27
N GLY A 211 2.40 -7.48 -9.72
CA GLY A 211 1.44 -7.85 -10.75
C GLY A 211 1.96 -8.93 -11.68
N GLU A 212 2.15 -10.14 -11.13
CA GLU A 212 2.52 -11.31 -11.89
C GLU A 212 1.30 -12.06 -12.41
N GLU A 213 1.51 -12.80 -13.51
CA GLU A 213 0.65 -13.89 -13.96
C GLU A 213 -0.81 -13.46 -14.07
N CYS A 214 -1.01 -12.42 -14.87
CA CYS A 214 -2.32 -11.77 -14.96
C CYS A 214 -3.26 -12.56 -15.86
N SER A 215 -4.48 -12.75 -15.38
CA SER A 215 -5.57 -13.28 -16.20
C SER A 215 -6.42 -12.11 -16.65
N CYS A 216 -6.61 -12.00 -17.96
CA CYS A 216 -7.16 -10.78 -18.56
C CYS A 216 -8.37 -11.09 -19.42
N LEU A 217 -9.36 -10.21 -19.35
CA LEU A 217 -10.60 -10.30 -20.12
C LEU A 217 -11.04 -8.89 -20.43
N ALA A 218 -11.61 -8.69 -21.61
CA ALA A 218 -12.26 -7.40 -21.91
C ALA A 218 -13.50 -7.24 -21.05
N THR A 219 -13.67 -6.05 -20.48
CA THR A 219 -14.85 -5.72 -19.70
C THR A 219 -15.94 -5.05 -20.52
N ASN A 220 -15.59 -4.52 -21.68
CA ASN A 220 -16.56 -4.00 -22.66
C ASN A 220 -15.83 -3.86 -24.00
N ARG A 221 -16.40 -3.05 -24.89
CA ARG A 221 -15.88 -2.92 -26.25
C ARG A 221 -14.43 -2.42 -26.30
N THR A 222 -14.00 -1.61 -25.33
CA THR A 222 -12.70 -0.96 -25.48
C THR A 222 -11.79 -1.06 -24.25
N TRP A 223 -12.20 -1.77 -23.19
CA TRP A 223 -11.45 -1.85 -21.94
C TRP A 223 -11.13 -3.30 -21.59
N ILE A 224 -9.98 -3.48 -20.94
CA ILE A 224 -9.49 -4.77 -20.49
C ILE A 224 -9.26 -4.69 -18.98
N GLU A 225 -9.57 -5.78 -18.28
CA GLU A 225 -9.31 -5.89 -16.85
C GLU A 225 -8.44 -7.13 -16.58
N CYS A 226 -7.33 -6.95 -15.89
CA CYS A 226 -6.48 -8.09 -15.54
C CYS A 226 -6.50 -8.33 -14.03
N LEU A 227 -6.56 -9.60 -13.65
CA LEU A 227 -6.51 -10.04 -12.26
C LEU A 227 -5.16 -10.70 -12.03
N CYS A 228 -4.37 -10.18 -11.10
CA CYS A 228 -2.98 -10.62 -11.04
C CYS A 228 -2.63 -11.20 -9.68
N ARG A 229 -1.35 -11.47 -9.50
CA ARG A 229 -0.81 -12.04 -8.28
C ARG A 229 0.25 -11.08 -7.73
N ASP A 230 0.06 -10.62 -6.51
CA ASP A 230 1.10 -9.91 -5.77
C ASP A 230 1.92 -10.94 -5.00
N ASN A 231 3.15 -11.15 -5.40
CA ASN A 231 3.92 -12.20 -4.73
C ASN A 231 4.62 -11.71 -3.47
N ALA A 232 4.72 -10.40 -3.24
CA ALA A 232 5.51 -9.88 -2.13
C ALA A 232 4.69 -9.25 -1.01
N PHE A 233 3.64 -8.49 -1.31
CA PHE A 233 3.10 -7.53 -0.35
C PHE A 233 1.71 -7.81 0.17
N SER A 234 0.89 -8.60 -0.54
CA SER A 234 -0.53 -8.61 -0.21
C SER A 234 -1.20 -9.93 -0.59
N ALA A 235 -2.16 -10.34 0.25
CA ALA A 235 -3.11 -11.41 -0.07
C ALA A 235 -4.26 -10.92 -0.95
N LYS A 236 -4.42 -9.62 -1.11
CA LYS A 236 -5.41 -9.09 -2.04
C LYS A 236 -4.85 -9.15 -3.47
N ARG A 237 -5.75 -9.39 -4.43
CA ARG A 237 -5.13 -9.48 -5.76
C ARG A 237 -5.06 -8.11 -6.42
N PRO A 238 -3.93 -7.79 -7.04
CA PRO A 238 -3.88 -6.58 -7.88
C PRO A 238 -4.78 -6.74 -9.08
N ILE A 239 -5.31 -5.61 -9.53
CA ILE A 239 -6.12 -5.56 -10.73
C ILE A 239 -5.56 -4.44 -11.59
N ILE A 240 -5.45 -4.69 -12.89
CA ILE A 240 -5.01 -3.69 -13.86
C ILE A 240 -6.11 -3.49 -14.87
N ARG A 241 -6.47 -2.23 -15.13
CA ARG A 241 -7.41 -1.89 -16.17
C ARG A 241 -6.72 -1.13 -17.28
N ILE A 242 -7.04 -1.50 -18.51
CA ILE A 242 -6.46 -0.91 -19.70
C ILE A 242 -7.60 -0.30 -20.50
N ASP A 243 -7.42 0.95 -20.88
CA ASP A 243 -8.29 1.66 -21.81
C ASP A 243 -7.58 1.63 -23.16
N THR A 244 -8.01 0.75 -24.06
CA THR A 244 -7.24 0.57 -25.28
C THR A 244 -7.38 1.71 -26.24
N VAL A 245 -8.41 2.54 -26.07
CA VAL A 245 -8.55 3.70 -26.95
C VAL A 245 -7.59 4.80 -26.54
N ALA A 246 -7.64 5.18 -25.27
CA ALA A 246 -6.73 6.20 -24.75
C ALA A 246 -5.29 5.71 -24.70
N GLY A 247 -5.05 4.40 -24.77
CA GLY A 247 -3.73 3.82 -24.53
C GLY A 247 -3.18 4.06 -23.12
N THR A 248 -3.92 3.65 -22.07
CA THR A 248 -3.49 3.84 -20.70
C THR A 248 -3.84 2.63 -19.85
N ALA A 249 -3.12 2.47 -18.74
CA ALA A 249 -3.38 1.35 -17.83
C ALA A 249 -3.15 1.83 -16.41
N ARG A 250 -4.01 1.39 -15.50
CA ARG A 250 -3.96 1.78 -14.11
C ARG A 250 -4.09 0.54 -13.23
N GLY A 251 -3.25 0.47 -12.20
CA GLY A 251 -3.31 -0.65 -11.25
C GLY A 251 -4.15 -0.31 -10.02
N TYR A 252 -4.88 -1.30 -9.54
CA TYR A 252 -5.67 -1.21 -8.32
C TYR A 252 -5.38 -2.43 -7.47
N LEU A 253 -5.89 -2.40 -6.25
CA LEU A 253 -5.87 -3.56 -5.39
C LEU A 253 -7.31 -3.99 -5.17
N MET A 254 -7.57 -5.28 -5.38
CA MET A 254 -8.93 -5.79 -5.21
C MET A 254 -9.38 -5.56 -3.77
N CYS A 255 -10.56 -4.97 -3.63
CA CYS A 255 -10.96 -4.42 -2.36
C CYS A 255 -11.82 -5.36 -1.53
N SER A 256 -12.33 -6.43 -2.11
CA SER A 256 -13.31 -7.25 -1.39
C SER A 256 -12.70 -7.91 -0.15
N ASP A 257 -13.53 -8.07 0.90
CA ASP A 257 -13.11 -8.77 2.10
C ASP A 257 -12.78 -10.23 1.82
N THR A 258 -13.23 -10.75 0.69
CA THR A 258 -12.98 -12.13 0.28
C THR A 258 -11.66 -12.16 -0.47
N TYR A 259 -10.55 -12.27 0.29
CA TYR A 259 -9.22 -12.24 -0.31
C TYR A 259 -9.01 -13.47 -1.18
N LEU A 260 -8.44 -13.27 -2.37
CA LEU A 260 -8.42 -14.35 -3.35
C LEU A 260 -7.10 -15.09 -3.46
N ASP A 261 -6.05 -14.60 -2.81
CA ASP A 261 -4.75 -15.22 -3.00
C ASP A 261 -4.52 -16.26 -1.91
N THR A 262 -3.47 -17.07 -2.10
CA THR A 262 -3.09 -18.13 -1.19
C THR A 262 -1.57 -18.06 -0.98
N PRO A 263 -1.09 -17.98 0.26
CA PRO A 263 -1.84 -17.96 1.52
C PRO A 263 -2.50 -16.61 1.78
N ARG A 264 -3.39 -16.55 2.75
CA ARG A 264 -4.13 -15.33 3.05
C ARG A 264 -4.57 -15.39 4.51
N PRO A 265 -4.80 -14.24 5.14
CA PRO A 265 -5.38 -14.26 6.49
C PRO A 265 -6.88 -14.50 6.42
N ALA A 266 -7.60 -14.41 7.54
CA ALA A 266 -9.05 -14.63 7.50
C ALA A 266 -9.75 -13.46 6.80
N ASP A 267 -10.96 -13.73 6.29
CA ASP A 267 -11.68 -12.73 5.49
C ASP A 267 -11.98 -11.48 6.31
N GLY A 268 -11.72 -10.32 5.72
CA GLY A 268 -12.05 -9.03 6.32
C GLY A 268 -11.06 -8.49 7.34
N SER A 269 -10.01 -9.22 7.66
CA SER A 269 -9.16 -8.89 8.79
C SER A 269 -7.97 -8.01 8.40
N ILE A 270 -7.83 -7.64 7.13
CA ILE A 270 -6.82 -6.67 6.74
C ILE A 270 -7.39 -5.29 7.04
N THR A 271 -6.76 -4.59 7.97
CA THR A 271 -7.25 -3.30 8.40
C THR A 271 -6.67 -2.20 7.51
N GLY A 272 -7.53 -1.29 7.08
CA GLY A 272 -7.09 -0.11 6.38
C GLY A 272 -7.91 0.13 5.15
N SER A 273 -7.40 0.98 4.28
CA SER A 273 -8.08 1.31 3.02
C SER A 273 -8.08 0.10 2.06
N CYS A 274 -8.82 0.29 0.96
CA CYS A 274 -8.82 -0.66 -0.15
C CYS A 274 -7.41 -1.09 -0.52
N GLU A 275 -6.50 -0.13 -0.67
CA GLU A 275 -5.20 -0.42 -1.21
C GLU A 275 -4.15 -0.70 -0.14
N THR A 276 -4.57 -0.92 1.11
CA THR A 276 -3.64 -1.32 2.16
C THR A 276 -3.21 -2.78 1.99
N ASP A 277 -1.88 -3.01 2.00
CA ASP A 277 -1.31 -4.34 1.78
C ASP A 277 -1.78 -5.34 2.82
N GLY A 278 -1.76 -4.97 4.09
CA GLY A 278 -1.80 -5.93 5.17
C GLY A 278 -0.41 -6.43 5.51
N THR A 279 -0.31 -7.10 6.65
CA THR A 279 1.01 -7.39 7.24
C THR A 279 1.66 -8.64 6.68
N SER A 280 0.88 -9.66 6.35
CA SER A 280 1.46 -10.83 5.70
C SER A 280 1.72 -10.51 4.23
N GLY A 281 1.18 -11.32 3.30
CA GLY A 281 1.28 -11.03 1.89
C GLY A 281 2.35 -11.78 1.11
N GLY A 282 3.27 -12.49 1.78
CA GLY A 282 4.31 -13.21 1.07
C GLY A 282 3.76 -14.45 0.38
N GLY A 283 4.28 -14.73 -0.82
CA GLY A 283 3.83 -15.85 -1.60
C GLY A 283 2.60 -15.52 -2.43
N GLY A 284 2.07 -16.53 -3.10
CA GLY A 284 0.89 -16.34 -3.91
C GLY A 284 0.74 -17.44 -4.93
N VAL A 285 -0.35 -17.34 -5.70
CA VAL A 285 -0.65 -18.25 -6.80
C VAL A 285 -1.40 -17.46 -7.86
N LYS A 286 -1.27 -17.87 -9.12
CA LYS A 286 -2.04 -17.23 -10.18
C LYS A 286 -3.52 -17.54 -10.02
N GLY A 287 -4.35 -16.49 -10.00
CA GLY A 287 -5.79 -16.63 -9.93
C GLY A 287 -6.47 -16.20 -11.23
N ALA A 288 -7.78 -16.40 -11.29
CA ALA A 288 -8.53 -16.19 -12.52
C ALA A 288 -9.90 -15.64 -12.20
N PHE A 289 -10.57 -15.14 -13.23
CA PHE A 289 -11.97 -14.75 -13.09
C PHE A 289 -12.66 -14.88 -14.44
N ALA A 290 -13.99 -14.82 -14.40
CA ALA A 290 -14.85 -14.84 -15.58
C ALA A 290 -15.89 -13.72 -15.42
N LEU A 291 -16.64 -13.42 -16.49
CA LEU A 291 -17.57 -12.31 -16.36
C LEU A 291 -18.71 -12.40 -17.35
N SER A 292 -19.71 -11.57 -17.09
CA SER A 292 -20.81 -11.27 -18.00
C SER A 292 -20.69 -9.81 -18.41
N ARG A 293 -20.99 -9.50 -19.66
CA ARG A 293 -20.86 -8.11 -20.09
C ARG A 293 -21.77 -7.82 -21.28
N THR A 294 -22.11 -6.55 -21.40
CA THR A 294 -22.68 -6.02 -22.63
C THR A 294 -21.57 -5.30 -23.39
N THR A 295 -21.92 -4.65 -24.50
CA THR A 295 -20.89 -3.89 -25.21
C THR A 295 -20.39 -2.71 -24.41
N GLU A 296 -21.14 -2.26 -23.40
CA GLU A 296 -20.78 -1.05 -22.67
C GLU A 296 -20.20 -1.31 -21.28
N ALA A 297 -20.57 -2.40 -20.61
CA ALA A 297 -20.10 -2.53 -19.24
C ALA A 297 -20.19 -3.98 -18.77
N THR A 298 -19.41 -4.28 -17.74
CA THR A 298 -19.46 -5.58 -17.10
C THR A 298 -20.60 -5.61 -16.08
N THR A 299 -21.46 -6.64 -16.16
CA THR A 299 -22.60 -6.73 -15.25
C THR A 299 -22.43 -7.71 -14.09
N GLU A 300 -21.56 -8.71 -14.20
CA GLU A 300 -21.33 -9.65 -13.12
C GLU A 300 -19.92 -10.19 -13.24
N ARG A 301 -19.29 -10.46 -12.09
CA ARG A 301 -17.96 -11.06 -12.05
C ARG A 301 -18.00 -12.34 -11.25
N PHE A 302 -17.13 -13.27 -11.64
CA PHE A 302 -17.04 -14.59 -11.03
C PHE A 302 -15.58 -14.83 -10.67
N TYR A 303 -15.32 -15.31 -9.46
CA TYR A 303 -13.96 -15.45 -8.94
C TYR A 303 -13.72 -16.85 -8.39
N VAL A 304 -12.45 -17.27 -8.39
CA VAL A 304 -12.09 -18.54 -7.80
C VAL A 304 -11.02 -18.29 -6.75
N ARG A 305 -11.02 -19.11 -5.70
CA ARG A 305 -9.87 -19.20 -4.79
C ARG A 305 -9.84 -20.61 -4.20
N THR A 306 -8.78 -20.89 -3.46
CA THR A 306 -8.61 -22.22 -2.90
C THR A 306 -9.52 -22.42 -1.69
N VAL A 307 -9.79 -23.69 -1.37
CA VAL A 307 -10.49 -24.00 -0.13
C VAL A 307 -9.64 -23.59 1.06
N SER A 308 -8.36 -23.99 1.05
CA SER A 308 -7.47 -23.68 2.15
C SER A 308 -6.91 -22.27 2.06
N SER A 309 -6.74 -21.63 3.20
CA SER A 309 -6.17 -20.29 3.24
C SER A 309 -4.66 -20.30 3.45
N SER A 310 -4.05 -21.47 3.60
CA SER A 310 -2.60 -21.60 3.69
C SER A 310 -1.97 -22.54 2.67
N ALA A 311 -2.71 -23.51 2.13
CA ALA A 311 -2.17 -24.43 1.14
C ALA A 311 -2.88 -24.24 -0.19
N ARG A 312 -2.25 -24.72 -1.26
CA ARG A 312 -2.89 -24.74 -2.59
C ARG A 312 -3.71 -26.02 -2.70
N SER A 313 -4.89 -26.02 -2.05
CA SER A 313 -5.80 -27.14 -2.18
C SER A 313 -7.25 -26.67 -2.29
N GLY A 314 -8.00 -27.31 -3.18
CA GLY A 314 -9.40 -27.00 -3.38
C GLY A 314 -9.59 -25.77 -4.24
N ALA A 315 -10.84 -25.60 -4.69
CA ALA A 315 -11.22 -24.42 -5.44
C ALA A 315 -12.69 -24.11 -5.15
N VAL A 316 -12.98 -22.84 -4.86
CA VAL A 316 -14.31 -22.36 -4.52
C VAL A 316 -14.67 -21.19 -5.41
N PHE A 317 -15.92 -21.15 -5.90
CA PHE A 317 -16.38 -20.09 -6.78
C PHE A 317 -17.19 -19.05 -6.01
N TYR A 318 -17.09 -17.79 -6.46
CA TYR A 318 -17.81 -16.66 -5.90
C TYR A 318 -18.29 -15.76 -7.03
N LYS A 319 -19.17 -14.82 -6.70
CA LYS A 319 -19.62 -13.86 -7.71
C LYS A 319 -19.89 -12.52 -7.06
N THR A 320 -19.99 -11.49 -7.89
CA THR A 320 -20.42 -10.20 -7.40
C THR A 320 -20.85 -9.32 -8.57
N THR A 321 -21.76 -8.40 -8.28
CA THR A 321 -22.14 -7.34 -9.20
C THR A 321 -21.53 -6.00 -8.84
N ASP A 322 -20.67 -5.96 -7.83
CA ASP A 322 -19.97 -4.74 -7.42
C ASP A 322 -18.73 -4.50 -8.28
N ASP A 323 -18.23 -3.26 -8.20
CA ASP A 323 -16.93 -2.94 -8.77
C ASP A 323 -15.84 -3.43 -7.83
N PRO A 324 -14.99 -4.35 -8.26
CA PRO A 324 -14.03 -4.97 -7.31
C PRO A 324 -12.94 -4.04 -6.82
N THR A 325 -12.74 -2.87 -7.44
CA THR A 325 -11.73 -1.92 -6.99
C THR A 325 -12.26 -0.89 -6.00
N GLU A 326 -13.56 -0.94 -5.68
CA GLU A 326 -14.14 0.09 -4.85
C GLU A 326 -15.21 -0.41 -3.89
N SER A 327 -15.38 -1.70 -3.70
CA SER A 327 -16.28 -2.21 -2.67
C SER A 327 -15.55 -3.22 -1.83
N ASN A 328 -15.76 -3.18 -0.51
CA ASN A 328 -15.20 -4.18 0.38
C ASN A 328 -16.22 -5.25 0.78
N ASN A 329 -17.42 -5.23 0.20
CA ASN A 329 -18.42 -6.27 0.48
C ASN A 329 -17.83 -7.65 0.22
N PRO A 330 -18.11 -8.63 1.07
CA PRO A 330 -17.79 -10.01 0.72
C PRO A 330 -18.42 -10.38 -0.61
N LEU A 331 -17.76 -11.28 -1.33
CA LEU A 331 -18.33 -11.90 -2.53
C LEU A 331 -19.36 -12.96 -2.12
N THR A 332 -20.20 -13.36 -3.07
CA THR A 332 -21.30 -14.28 -2.83
C THR A 332 -20.88 -15.70 -3.25
N LEU A 333 -21.14 -16.68 -2.38
CA LEU A 333 -20.67 -18.05 -2.60
C LEU A 333 -21.45 -18.71 -3.72
N ILE A 334 -20.73 -19.32 -4.66
CA ILE A 334 -21.34 -20.20 -5.65
C ILE A 334 -21.22 -21.65 -5.24
N GLY A 335 -20.05 -22.06 -4.76
CA GLY A 335 -19.89 -23.40 -4.23
C GLY A 335 -18.50 -23.91 -4.55
N THR A 336 -18.25 -25.14 -4.11
CA THR A 336 -16.91 -25.72 -4.20
C THR A 336 -16.77 -26.52 -5.50
N ALA A 337 -15.79 -26.15 -6.31
CA ALA A 337 -15.54 -26.84 -7.57
C ALA A 337 -14.48 -27.95 -7.47
N VAL A 338 -13.56 -27.86 -6.50
CA VAL A 338 -12.59 -28.90 -6.21
C VAL A 338 -12.51 -29.04 -4.69
N GLY A 339 -12.74 -30.24 -4.18
CA GLY A 339 -12.73 -30.45 -2.74
C GLY A 339 -11.41 -30.08 -2.11
N GLY A 340 -11.46 -29.65 -0.86
CA GLY A 340 -10.28 -29.16 -0.17
C GLY A 340 -9.17 -30.18 -0.02
N ALA A 341 -9.45 -31.46 -0.23
CA ALA A 341 -8.40 -32.45 -0.14
C ALA A 341 -7.64 -32.67 -1.44
N ILE A 342 -7.85 -31.84 -2.46
CA ILE A 342 -7.31 -32.07 -3.79
C ILE A 342 -6.41 -30.90 -4.16
N PRO A 343 -5.16 -31.12 -4.56
CA PRO A 343 -4.29 -30.01 -4.94
C PRO A 343 -4.88 -29.19 -6.06
N MET A 344 -4.91 -27.88 -5.88
CA MET A 344 -5.33 -26.92 -6.88
C MET A 344 -4.28 -25.81 -6.94
N TRP A 345 -3.74 -25.56 -8.15
CA TRP A 345 -2.63 -24.61 -8.28
C TRP A 345 -3.05 -23.37 -9.08
N TYR A 346 -2.53 -23.19 -10.29
CA TYR A 346 -2.94 -22.03 -11.06
C TYR A 346 -4.38 -22.18 -11.53
N SER A 347 -5.00 -21.04 -11.80
CA SER A 347 -6.22 -21.02 -12.59
C SER A 347 -6.08 -19.87 -13.58
N PHE A 348 -6.85 -19.94 -14.67
CA PHE A 348 -6.72 -19.00 -15.77
C PHE A 348 -8.08 -18.65 -16.33
N SER A 349 -8.18 -17.43 -16.84
CA SER A 349 -9.35 -16.98 -17.59
C SER A 349 -9.13 -17.23 -19.06
N PHE A 350 -10.24 -17.39 -19.79
CA PHE A 350 -10.20 -17.27 -21.24
C PHE A 350 -11.60 -16.99 -21.74
N GLU A 351 -11.68 -16.62 -23.01
CA GLU A 351 -12.92 -16.24 -23.66
C GLU A 351 -13.06 -17.01 -24.95
N ILE A 352 -14.26 -17.55 -25.19
CA ILE A 352 -14.56 -18.26 -26.42
C ILE A 352 -15.29 -17.29 -27.34
N PRO A 353 -14.69 -16.86 -28.44
CA PRO A 353 -15.39 -15.95 -29.34
C PRO A 353 -16.47 -16.73 -30.08
N GLY A 354 -17.61 -16.08 -30.27
CA GLY A 354 -18.69 -16.66 -31.04
C GLY A 354 -19.19 -15.67 -32.06
N LYS A 355 -19.99 -16.17 -33.01
CA LYS A 355 -20.57 -15.29 -34.03
C LYS A 355 -21.66 -14.41 -33.44
N VAL A 356 -22.42 -14.93 -32.50
CA VAL A 356 -23.49 -14.18 -31.87
C VAL A 356 -23.07 -13.57 -30.54
N CYS A 357 -22.41 -14.35 -29.69
CA CYS A 357 -22.07 -13.86 -28.37
C CYS A 357 -20.76 -14.51 -27.98
N ASP A 358 -20.09 -13.90 -27.00
CA ASP A 358 -18.86 -14.45 -26.46
C ASP A 358 -19.13 -15.10 -25.11
N GLN A 359 -18.18 -15.92 -24.67
CA GLN A 359 -18.37 -16.58 -23.39
C GLN A 359 -17.05 -16.63 -22.66
N THR A 360 -17.06 -16.32 -21.36
CA THR A 360 -15.82 -16.42 -20.62
C THR A 360 -15.86 -17.63 -19.70
N CYS A 361 -14.65 -18.12 -19.37
CA CYS A 361 -14.45 -19.36 -18.63
C CYS A 361 -13.24 -19.27 -17.72
N ILE A 362 -13.19 -20.20 -16.76
CA ILE A 362 -12.07 -20.39 -15.83
C ILE A 362 -11.57 -21.82 -16.00
N GLY A 363 -10.26 -21.98 -16.18
CA GLY A 363 -9.65 -23.29 -16.19
C GLY A 363 -8.92 -23.49 -14.87
N LEU A 364 -8.82 -24.74 -14.44
CA LEU A 364 -8.25 -25.06 -13.13
C LEU A 364 -7.11 -26.07 -13.29
N GLU A 365 -5.89 -25.68 -12.91
CA GLU A 365 -4.73 -26.57 -12.91
C GLU A 365 -4.73 -27.46 -11.65
N MET A 366 -5.30 -28.67 -11.76
CA MET A 366 -5.30 -29.61 -10.63
C MET A 366 -3.96 -30.34 -10.59
N GLY A 367 -3.13 -29.98 -9.62
CA GLY A 367 -1.73 -30.39 -9.65
C GLY A 367 -1.50 -31.82 -9.21
N LEU A 368 -0.49 -32.42 -9.84
CA LEU A 368 -0.09 -33.81 -9.57
C LEU A 368 1.42 -33.84 -9.39
N THR A 369 1.87 -34.33 -8.24
CA THR A 369 3.30 -34.39 -8.03
C THR A 369 3.63 -35.50 -7.02
N MET A 370 4.83 -36.07 -7.22
CA MET A 370 5.42 -37.06 -6.34
C MET A 370 6.15 -36.43 -5.15
N GLY A 371 6.45 -35.11 -5.20
CA GLY A 371 6.99 -34.36 -4.07
C GLY A 371 8.01 -33.30 -4.50
N HIS A 372 8.79 -32.84 -3.51
CA HIS A 372 9.77 -31.78 -3.70
C HIS A 372 10.84 -32.19 -4.70
N GLN A 373 10.92 -31.44 -5.81
CA GLN A 373 11.87 -31.70 -6.90
C GLN A 373 11.72 -33.11 -7.48
N LEU A 374 10.52 -33.69 -7.42
CA LEU A 374 10.22 -34.90 -8.16
C LEU A 374 9.20 -34.58 -9.24
N TRP A 375 8.77 -35.63 -9.95
CA TRP A 375 7.82 -35.53 -11.06
C TRP A 375 6.63 -34.63 -10.71
N THR A 376 6.30 -33.73 -11.65
CA THR A 376 5.28 -32.71 -11.44
C THR A 376 4.47 -32.54 -12.71
N SER A 377 3.14 -32.61 -12.60
CA SER A 377 2.32 -32.24 -13.75
C SER A 377 0.93 -31.86 -13.25
N ASN A 378 -0.10 -32.07 -14.06
CA ASN A 378 -1.40 -31.54 -13.72
C ASN A 378 -2.52 -32.21 -14.54
N SER A 379 -3.75 -31.97 -14.08
CA SER A 379 -4.98 -32.17 -14.82
C SER A 379 -5.69 -30.83 -14.91
N VAL A 380 -6.38 -30.59 -16.03
CA VAL A 380 -7.02 -29.30 -16.32
C VAL A 380 -8.54 -29.48 -16.38
N ALA A 381 -9.27 -28.79 -15.49
CA ALA A 381 -10.74 -28.75 -15.51
C ALA A 381 -11.22 -27.37 -15.93
N VAL A 382 -12.31 -27.32 -16.69
CA VAL A 382 -12.79 -26.09 -17.31
C VAL A 382 -14.24 -25.84 -16.91
N TYR A 383 -14.52 -24.61 -16.43
CA TYR A 383 -15.84 -24.14 -16.07
C TYR A 383 -16.15 -22.86 -16.83
N CYS A 384 -17.39 -22.75 -17.33
CA CYS A 384 -17.80 -21.59 -18.12
C CYS A 384 -19.05 -20.96 -17.54
N VAL A 385 -19.25 -19.70 -17.91
CA VAL A 385 -20.37 -18.89 -17.43
C VAL A 385 -21.63 -19.29 -18.19
N ILE A 386 -22.55 -19.95 -17.49
CA ILE A 386 -23.76 -20.53 -18.06
C ILE A 386 -24.61 -21.04 -16.91
N GLY A 387 -25.92 -21.08 -17.08
CA GLY A 387 -26.79 -21.72 -16.11
C GLY A 387 -26.98 -20.88 -14.87
N ASP A 388 -27.51 -21.53 -13.83
CA ASP A 388 -27.96 -20.87 -12.61
C ASP A 388 -27.30 -21.38 -11.34
N ASN A 389 -26.77 -22.59 -11.34
CA ASN A 389 -26.10 -23.15 -10.18
C ASN A 389 -24.91 -23.97 -10.65
N LEU A 390 -23.94 -24.10 -9.75
CA LEU A 390 -22.81 -24.97 -9.97
C LEU A 390 -23.29 -26.40 -10.15
N ASP A 391 -22.75 -27.11 -11.15
CA ASP A 391 -23.30 -28.43 -11.43
C ASP A 391 -22.59 -29.56 -10.67
N TRP A 392 -21.26 -29.59 -10.64
CA TRP A 392 -20.53 -30.67 -9.97
C TRP A 392 -19.10 -30.24 -9.70
N ASP A 393 -18.50 -30.83 -8.66
CA ASP A 393 -17.09 -30.64 -8.44
C ASP A 393 -16.27 -31.59 -9.30
N SER A 394 -14.96 -31.34 -9.38
CA SER A 394 -14.05 -32.12 -10.18
C SER A 394 -13.02 -32.80 -9.30
N THR A 395 -12.57 -33.97 -9.76
CA THR A 395 -11.50 -34.74 -9.14
C THR A 395 -10.52 -35.15 -10.24
N THR A 396 -9.36 -35.67 -9.84
CA THR A 396 -8.44 -36.28 -10.80
C THR A 396 -8.47 -37.79 -10.79
N ASP A 397 -8.65 -38.40 -9.61
CA ASP A 397 -8.44 -39.86 -9.42
C ASP A 397 -7.13 -40.34 -10.06
N VAL A 398 -6.10 -39.54 -9.96
CA VAL A 398 -4.74 -39.94 -10.30
C VAL A 398 -3.97 -39.93 -8.98
N VAL A 399 -3.40 -41.08 -8.64
CA VAL A 399 -2.47 -41.18 -7.52
C VAL A 399 -1.06 -41.08 -8.08
N PRO A 400 -0.31 -40.02 -7.81
CA PRO A 400 1.06 -39.90 -8.35
C PRO A 400 1.95 -41.13 -8.12
N ALA A 401 1.80 -41.85 -6.99
CA ALA A 401 2.59 -43.07 -6.79
C ALA A 401 2.42 -44.09 -7.91
N ASP A 402 1.23 -44.14 -8.55
CA ASP A 402 0.94 -45.11 -9.61
C ASP A 402 1.52 -44.71 -10.97
N ILE A 403 2.09 -43.51 -11.12
CA ILE A 403 2.64 -43.08 -12.40
C ILE A 403 3.97 -43.78 -12.63
N VAL A 404 4.12 -44.41 -13.80
CA VAL A 404 5.31 -45.21 -14.08
C VAL A 404 6.38 -44.42 -14.84
N GLU B 16 25.54 7.30 27.87
CA GLU B 16 25.24 6.30 26.84
C GLU B 16 23.92 6.60 26.14
N TRP B 17 22.95 5.68 26.21
CA TRP B 17 21.70 5.83 25.47
C TRP B 17 20.69 6.72 26.20
N ARG B 18 19.92 7.47 25.43
CA ARG B 18 18.80 8.24 25.94
CA ARG B 18 18.81 8.24 25.97
C ARG B 18 17.73 7.31 26.50
N PHE B 19 17.08 7.73 27.58
CA PHE B 19 15.96 6.99 28.15
C PHE B 19 15.16 7.94 29.04
N PRO B 20 13.88 7.64 29.30
CA PRO B 20 13.04 8.59 30.03
C PRO B 20 13.41 8.65 31.51
N LYS B 21 13.59 9.88 32.00
CA LYS B 21 13.77 10.18 33.41
C LYS B 21 12.49 10.75 34.00
N SER B 22 12.44 10.81 35.32
CA SER B 22 11.37 11.54 35.98
C SER B 22 11.46 13.02 35.63
N THR B 23 10.30 13.63 35.40
CA THR B 23 10.31 15.02 34.96
C THR B 23 10.48 15.98 36.15
N CYS B 24 10.96 17.18 35.81
CA CYS B 24 11.20 18.21 36.81
C CYS B 24 9.89 18.73 37.39
N PRO B 25 9.88 19.12 38.66
CA PRO B 25 8.63 19.52 39.33
C PRO B 25 7.97 20.71 38.65
N GLY B 26 6.71 20.53 38.27
CA GLY B 26 5.98 21.56 37.57
C GLY B 26 4.52 21.20 37.52
N ARG B 27 3.65 22.21 37.56
CA ARG B 27 2.22 21.95 37.61
C ARG B 27 1.45 22.86 36.67
N SER B 28 2.11 23.45 35.67
CA SER B 28 1.44 24.36 34.74
C SER B 28 2.34 24.53 33.51
N LEU B 29 1.86 25.33 32.56
CA LEU B 29 2.63 25.68 31.39
C LEU B 29 3.00 27.15 31.45
N GLN B 30 4.28 27.45 31.30
CA GLN B 30 4.76 28.82 31.23
C GLN B 30 5.67 28.96 30.03
N LYS B 31 5.76 30.19 29.54
CA LYS B 31 6.37 30.46 28.26
C LYS B 31 7.88 30.47 28.36
N MET B 32 8.52 29.79 27.41
CA MET B 32 9.97 29.84 27.31
C MET B 32 10.38 30.98 26.39
N LEU B 33 10.20 30.79 25.09
CA LEU B 33 10.63 31.78 24.12
C LEU B 33 9.69 31.75 22.92
N GLN B 34 9.95 32.64 21.96
CA GLN B 34 9.22 32.68 20.71
C GLN B 34 10.20 33.00 19.58
N LEU B 35 10.04 32.30 18.46
CA LEU B 35 10.75 32.61 17.22
C LEU B 35 9.78 33.26 16.24
N ASN B 36 10.19 34.38 15.63
CA ASN B 36 9.29 35.16 14.78
C ASN B 36 10.06 35.72 13.57
N PRO B 37 10.57 34.83 12.71
CA PRO B 37 11.48 35.29 11.65
C PRO B 37 10.93 36.40 10.77
N HIS B 38 9.65 36.38 10.44
CA HIS B 38 9.18 37.31 9.42
C HIS B 38 8.85 38.68 9.97
N ARG B 39 9.11 38.93 11.25
CA ARG B 39 9.22 40.31 11.73
C ARG B 39 10.30 41.06 10.97
N HIS B 40 11.29 40.36 10.45
CA HIS B 40 12.42 40.95 9.76
C HIS B 40 12.23 40.98 8.24
N ALA B 41 11.02 40.75 7.74
CA ALA B 41 10.77 40.61 6.30
C ALA B 41 9.83 41.70 5.80
N THR B 42 9.95 42.89 6.35
CA THR B 42 9.13 44.03 6.00
C THR B 42 9.93 44.97 5.12
N ALA B 43 9.29 46.05 4.69
CA ALA B 43 9.97 47.05 3.89
C ALA B 43 11.19 47.58 4.64
N GLY B 44 12.31 47.69 3.92
CA GLY B 44 13.54 48.21 4.46
C GLY B 44 14.46 47.20 5.12
N SER B 45 13.97 45.99 5.44
CA SER B 45 14.75 45.00 6.18
C SER B 45 15.81 44.34 5.28
N GLN B 46 16.79 43.70 5.92
CA GLN B 46 18.01 43.22 5.26
C GLN B 46 18.22 41.71 5.43
N ALA B 47 17.17 40.99 5.77
CA ALA B 47 17.28 39.59 6.15
C ALA B 47 16.62 38.71 5.11
N ALA B 48 17.23 37.55 4.89
CA ALA B 48 16.62 36.48 4.10
C ALA B 48 15.98 35.50 5.09
N THR B 49 14.68 35.64 5.34
CA THR B 49 13.98 34.75 6.28
C THR B 49 13.45 33.52 5.57
N ILE B 50 13.16 32.48 6.35
CA ILE B 50 12.84 31.16 5.79
C ILE B 50 11.37 30.84 6.02
N PRO B 51 10.50 31.10 5.05
CA PRO B 51 9.10 30.70 5.20
C PRO B 51 9.00 29.18 5.32
N ASN B 52 8.16 28.71 6.23
CA ASN B 52 8.14 27.28 6.52
C ASN B 52 6.80 26.92 7.13
N ARG B 53 6.57 25.61 7.26
CA ARG B 53 5.39 25.08 7.92
C ARG B 53 5.75 23.73 8.56
N GLU B 54 4.87 23.27 9.45
CA GLU B 54 5.07 22.03 10.21
C GLU B 54 6.37 22.06 11.01
N PRO B 55 6.61 23.03 11.88
CA PRO B 55 7.82 23.03 12.69
C PRO B 55 7.68 22.16 13.92
N PHE B 56 8.83 21.74 14.45
CA PHE B 56 8.88 21.04 15.72
C PHE B 56 10.27 21.20 16.30
N ILE B 57 10.42 20.78 17.56
CA ILE B 57 11.68 20.90 18.28
C ILE B 57 12.12 19.51 18.75
N SER B 58 13.40 19.25 18.66
CA SER B 58 13.95 18.01 19.17
C SER B 58 15.30 18.33 19.79
N CYS B 59 15.66 17.55 20.80
CA CYS B 59 16.81 17.88 21.62
C CYS B 59 17.74 16.69 21.78
N SER B 60 19.03 16.98 21.84
CA SER B 60 20.01 16.09 22.42
C SER B 60 20.40 16.64 23.79
N GLN B 61 21.35 15.97 24.44
CA GLN B 61 21.91 16.49 25.68
C GLN B 61 22.78 17.72 25.43
N ASP B 62 23.36 17.84 24.24
CA ASP B 62 24.20 18.99 23.91
C ASP B 62 23.37 20.21 23.51
N GLU B 63 22.33 20.02 22.69
CA GLU B 63 21.66 21.16 22.10
C GLU B 63 20.24 20.80 21.72
N CYS B 64 19.39 21.82 21.67
CA CYS B 64 18.07 21.70 21.11
C CYS B 64 18.05 22.37 19.74
N ARG B 65 17.20 21.84 18.84
CA ARG B 65 17.05 22.35 17.48
C ARG B 65 15.58 22.48 17.10
N LEU B 66 15.30 23.55 16.36
CA LEU B 66 14.02 23.80 15.73
C LEU B 66 14.09 23.21 14.32
N PHE B 67 13.30 22.19 14.06
CA PHE B 67 13.21 21.55 12.74
C PHE B 67 12.00 22.08 12.01
N THR B 68 12.04 22.06 10.68
CA THR B 68 10.86 22.42 9.90
C THR B 68 11.06 22.05 8.42
N LEU B 69 9.97 22.14 7.66
CA LEU B 69 9.96 21.83 6.23
C LEU B 69 9.96 23.14 5.45
N ASP B 70 11.07 23.43 4.78
CA ASP B 70 11.16 24.67 4.03
C ASP B 70 10.65 24.46 2.60
N HIS B 71 10.76 25.50 1.76
CA HIS B 71 10.34 25.45 0.37
C HIS B 71 11.47 25.85 -0.57
N ASP B 72 12.73 25.79 -0.12
CA ASP B 72 13.86 26.07 -1.01
C ASP B 72 13.80 27.51 -1.53
N VAL B 73 13.45 28.44 -0.63
CA VAL B 73 13.26 29.84 -0.99
C VAL B 73 13.30 30.65 0.29
N SER B 74 13.70 31.91 0.18
CA SER B 74 13.64 32.83 1.29
C SER B 74 12.66 33.96 0.99
N THR B 75 12.26 34.65 2.04
CA THR B 75 11.33 35.75 1.97
C THR B 75 12.02 36.99 2.53
N PRO B 76 12.01 38.12 1.82
CA PRO B 76 11.39 38.39 0.50
C PRO B 76 12.12 37.70 -0.65
N GLY B 77 11.42 37.36 -1.72
CA GLY B 77 12.02 36.68 -2.85
C GLY B 77 10.96 36.39 -3.89
N ALA B 78 11.36 36.32 -5.16
CA ALA B 78 10.37 36.19 -6.23
C ALA B 78 9.64 34.85 -6.17
N TYR B 79 10.30 33.81 -5.67
CA TYR B 79 9.75 32.46 -5.73
C TYR B 79 8.95 32.07 -4.52
N ASP B 80 8.73 32.96 -3.54
CA ASP B 80 8.13 32.50 -2.29
C ASP B 80 6.62 32.41 -2.33
N GLY B 81 5.99 32.57 -3.48
CA GLY B 81 4.56 32.34 -3.57
C GLY B 81 4.14 30.88 -3.62
N ILE B 82 5.09 29.93 -3.57
CA ILE B 82 4.79 28.50 -3.50
C ILE B 82 4.72 27.97 -2.06
N THR B 83 4.81 28.85 -1.06
CA THR B 83 4.99 28.34 0.28
C THR B 83 3.71 27.76 0.90
N TRP B 84 2.59 27.79 0.16
CA TRP B 84 1.35 27.15 0.59
C TRP B 84 1.27 25.67 0.25
N GLU B 85 2.15 25.17 -0.62
CA GLU B 85 2.07 23.77 -1.07
C GLU B 85 2.37 22.79 0.08
N ASP B 86 1.67 21.65 0.09
CA ASP B 86 2.00 20.64 1.09
C ASP B 86 3.17 19.76 0.65
N ARG B 87 3.20 19.36 -0.62
CA ARG B 87 4.15 18.38 -1.15
C ARG B 87 4.66 18.86 -2.49
N SER B 88 5.97 18.84 -2.65
CA SER B 88 6.60 19.30 -3.87
C SER B 88 8.03 18.78 -3.88
N LYS B 89 8.70 18.94 -5.00
CA LYS B 89 10.11 18.58 -5.06
C LYS B 89 11.01 19.63 -4.45
N ARG B 90 10.42 20.72 -3.94
CA ARG B 90 11.19 21.81 -3.34
C ARG B 90 11.35 21.67 -1.83
N ARG B 91 10.50 20.89 -1.16
CA ARG B 91 10.52 20.90 0.30
C ARG B 91 11.66 20.06 0.87
N ARG B 92 12.17 20.49 2.02
CA ARG B 92 13.25 19.79 2.69
C ARG B 92 13.06 19.92 4.21
N LEU B 93 13.44 18.87 4.92
CA LEU B 93 13.61 18.95 6.37
C LEU B 93 14.88 19.72 6.68
N VAL B 94 14.72 20.92 7.24
CA VAL B 94 15.85 21.75 7.65
C VAL B 94 15.73 21.99 9.15
N SER B 95 16.82 22.47 9.74
CA SER B 95 16.79 22.76 11.16
C SER B 95 17.70 23.94 11.47
N PHE B 96 17.51 24.50 12.66
CA PHE B 96 18.20 25.66 13.19
C PHE B 96 18.46 25.36 14.66
N PRO B 97 19.59 25.79 15.22
CA PRO B 97 19.74 25.71 16.70
C PRO B 97 18.62 26.50 17.38
N LEU B 98 18.11 25.96 18.48
CA LEU B 98 17.00 26.62 19.17
C LEU B 98 17.46 27.92 19.79
N GLY B 99 16.87 29.02 19.34
CA GLY B 99 17.27 30.34 19.74
C GLY B 99 17.91 31.13 18.62
N SER B 100 18.36 30.46 17.56
CA SER B 100 18.73 31.12 16.32
C SER B 100 17.49 31.56 15.57
N GLU B 101 17.53 32.75 15.00
CA GLU B 101 16.38 33.11 14.20
C GLU B 101 16.46 32.44 12.83
N LEU B 102 15.29 32.29 12.20
CA LEU B 102 15.16 31.44 11.03
C LEU B 102 15.57 32.20 9.77
N THR B 103 16.89 32.35 9.59
CA THR B 103 17.41 32.99 8.38
C THR B 103 18.24 31.99 7.57
N LEU B 104 18.62 32.43 6.37
CA LEU B 104 19.24 31.53 5.42
C LEU B 104 20.62 31.06 5.89
N ASP B 105 21.41 31.94 6.53
CA ASP B 105 22.74 31.52 6.95
C ASP B 105 22.70 30.59 8.15
N ASN B 106 21.68 30.70 9.01
CA ASN B 106 21.58 29.81 10.17
C ASN B 106 21.01 28.44 9.81
N MET B 107 20.49 28.26 8.61
CA MET B 107 19.75 27.06 8.25
C MET B 107 20.68 25.89 7.99
N LYS B 108 20.21 24.70 8.32
CA LYS B 108 20.93 23.49 7.98
C LYS B 108 19.98 22.49 7.33
N VAL B 109 20.36 21.97 6.16
CA VAL B 109 19.55 21.07 5.35
C VAL B 109 19.93 19.62 5.68
N HIS B 110 18.93 18.79 5.97
CA HIS B 110 19.15 17.37 6.30
C HIS B 110 18.70 16.40 5.21
N LEU B 111 17.46 16.52 4.74
CA LEU B 111 16.90 15.59 3.77
C LEU B 111 15.84 16.30 2.97
N SER B 112 15.79 16.03 1.67
CA SER B 112 14.64 16.44 0.88
C SER B 112 13.39 15.64 1.27
N GLY B 113 12.23 16.26 1.11
CA GLY B 113 10.99 15.57 1.36
C GLY B 113 9.95 16.45 2.03
N TRP B 114 8.71 15.98 2.10
CA TRP B 114 7.61 16.85 2.46
C TRP B 114 6.83 16.38 3.71
N SER B 115 7.39 15.47 4.48
CA SER B 115 6.86 15.13 5.79
C SER B 115 8.05 14.63 6.58
N GLY B 116 8.14 15.00 7.86
CA GLY B 116 9.39 14.87 8.59
C GLY B 116 9.24 14.46 10.04
N THR B 117 10.35 14.00 10.60
CA THR B 117 10.52 13.75 12.02
C THR B 117 12.02 13.64 12.30
N ALA B 118 12.39 13.82 13.57
CA ALA B 118 13.77 13.70 13.98
C ALA B 118 13.81 13.41 15.48
N CYS B 119 14.83 12.68 15.92
CA CYS B 119 15.06 12.45 17.35
C CYS B 119 16.48 11.98 17.56
N HIS B 120 17.02 12.26 18.75
CA HIS B 120 18.40 11.91 19.10
C HIS B 120 18.40 10.75 20.08
N ASP B 121 19.19 9.71 19.80
CA ASP B 121 19.11 8.49 20.58
C ASP B 121 20.09 8.47 21.75
N GLY B 122 20.85 9.53 21.95
CA GLY B 122 21.94 9.58 22.91
C GLY B 122 23.29 9.65 22.25
N LYS B 123 23.42 9.09 21.04
CA LYS B 123 24.66 9.09 20.26
C LYS B 123 24.57 9.88 18.96
N GLU B 124 23.49 9.71 18.19
CA GLU B 124 23.35 10.40 16.91
C GLU B 124 21.91 10.84 16.68
N TRP B 125 21.77 11.87 15.85
CA TRP B 125 20.47 12.25 15.33
C TRP B 125 19.97 11.21 14.34
N THR B 126 18.69 10.90 14.44
CA THR B 126 17.98 10.26 13.34
C THR B 126 17.08 11.33 12.74
N TYR B 127 17.18 11.53 11.44
CA TYR B 127 16.29 12.39 10.68
C TYR B 127 15.49 11.52 9.73
N ALA B 128 14.23 11.90 9.50
CA ALA B 128 13.45 11.11 8.56
C ALA B 128 12.49 11.99 7.78
N THR B 129 12.41 11.74 6.48
CA THR B 129 11.44 12.42 5.62
C THR B 129 10.82 11.41 4.68
N VAL B 130 9.62 11.72 4.23
CA VAL B 130 9.01 11.03 3.12
C VAL B 130 9.19 11.87 1.87
N ASN B 131 9.60 11.21 0.79
CA ASN B 131 9.87 11.81 -0.49
C ASN B 131 9.10 11.02 -1.55
N GLY B 132 8.96 11.62 -2.74
CA GLY B 132 8.43 10.91 -3.86
C GLY B 132 7.01 11.30 -4.22
N PRO B 133 6.45 10.69 -5.26
CA PRO B 133 5.07 10.98 -5.65
C PRO B 133 4.07 10.34 -4.71
N ASP B 134 2.82 10.83 -4.80
CA ASP B 134 1.78 10.46 -3.84
C ASP B 134 1.56 8.96 -3.77
N ASN B 135 1.59 8.27 -4.92
CA ASN B 135 1.25 6.86 -4.96
C ASN B 135 2.43 5.93 -4.68
N SER B 136 3.63 6.47 -4.45
CA SER B 136 4.76 5.59 -4.17
C SER B 136 5.86 6.36 -3.44
N ALA B 137 5.47 7.00 -2.36
CA ALA B 137 6.40 7.77 -1.56
C ALA B 137 7.33 6.83 -0.80
N VAL B 138 8.50 7.34 -0.43
CA VAL B 138 9.50 6.54 0.25
C VAL B 138 10.01 7.36 1.42
N MET B 139 10.00 6.75 2.61
CA MET B 139 10.63 7.35 3.78
C MET B 139 12.09 6.93 3.83
N ARG B 140 13.01 7.90 3.83
CA ARG B 140 14.41 7.65 4.08
C ARG B 140 14.77 8.12 5.49
N LEU B 141 15.62 7.35 6.18
CA LEU B 141 16.07 7.67 7.52
C LEU B 141 17.59 7.87 7.52
N LYS B 142 18.01 9.01 8.03
CA LYS B 142 19.40 9.42 8.06
C LYS B 142 19.89 9.34 9.50
N TYR B 143 21.00 8.64 9.72
CA TYR B 143 21.58 8.48 11.04
C TYR B 143 22.96 9.13 11.00
N GLY B 144 23.12 10.20 11.77
CA GLY B 144 24.29 11.03 11.60
C GLY B 144 24.36 11.60 10.21
N ASP B 145 25.34 11.16 9.41
CA ASP B 145 25.52 11.66 8.06
C ASP B 145 25.07 10.68 6.99
N GLN B 146 24.72 9.45 7.34
CA GLN B 146 24.43 8.40 6.38
C GLN B 146 22.94 8.09 6.32
N ILE B 147 22.44 7.82 5.11
CA ILE B 147 21.10 7.30 4.96
C ILE B 147 21.16 5.80 5.25
N ARG B 148 20.62 5.39 6.40
CA ARG B 148 20.70 3.99 6.81
C ARG B 148 19.40 3.22 6.64
N GLY B 149 18.28 3.90 6.49
CA GLY B 149 16.99 3.24 6.45
C GLY B 149 16.15 3.74 5.31
N SER B 150 15.28 2.86 4.83
CA SER B 150 14.38 3.17 3.73
C SER B 150 13.13 2.33 3.93
N PHE B 151 11.97 2.96 3.83
CA PHE B 151 10.68 2.32 4.10
C PHE B 151 9.64 2.78 3.06
N PRO B 152 9.20 1.91 2.15
CA PRO B 152 8.31 2.35 1.07
C PRO B 152 6.82 2.31 1.45
N SER B 153 6.02 3.00 0.65
CA SER B 153 4.57 3.04 0.86
C SER B 153 3.95 1.64 0.95
N TYR B 154 3.01 1.46 1.89
CA TYR B 154 2.28 0.19 2.03
C TYR B 154 0.79 0.31 1.78
N ALA B 155 0.30 1.49 1.41
CA ALA B 155 -1.12 1.62 1.09
C ALA B 155 -1.34 2.54 -0.11
N ASN B 156 -0.29 2.86 -0.86
CA ASN B 156 -0.38 3.50 -2.17
C ASN B 156 -0.98 4.91 -2.09
N ASN B 157 -0.86 5.59 -0.94
CA ASN B 157 -1.52 6.89 -0.86
C ASN B 157 -0.89 7.78 0.21
N ILE B 158 0.18 8.49 -0.17
CA ILE B 158 0.83 9.52 0.64
C ILE B 158 1.29 8.96 1.98
N LEU B 159 2.27 8.06 1.95
CA LEU B 159 2.96 7.72 3.17
C LEU B 159 3.42 9.01 3.85
N ARG B 160 3.16 9.12 5.15
CA ARG B 160 3.45 10.34 5.90
C ARG B 160 3.68 10.00 7.37
N THR B 161 4.33 10.94 8.08
CA THR B 161 4.75 10.71 9.46
C THR B 161 4.32 11.84 10.40
N GLN B 162 5.05 12.02 11.51
CA GLN B 162 4.50 12.70 12.68
C GLN B 162 4.54 14.23 12.60
N GLU B 163 5.50 14.80 11.87
CA GLU B 163 5.77 16.26 11.91
C GLU B 163 6.03 16.75 13.34
N SER B 164 6.63 15.91 14.18
CA SER B 164 7.19 16.30 15.47
C SER B 164 8.21 15.24 15.83
N GLU B 165 8.87 15.40 16.96
CA GLU B 165 9.98 14.52 17.28
C GLU B 165 9.48 13.10 17.56
N CYS B 166 10.33 12.13 17.21
CA CYS B 166 10.17 10.75 17.64
C CYS B 166 10.79 10.54 19.03
N VAL B 167 10.57 9.36 19.58
CA VAL B 167 11.01 9.00 20.92
C VAL B 167 12.01 7.88 20.80
N CYS B 168 13.18 8.06 21.40
CA CYS B 168 14.20 7.01 21.48
C CYS B 168 14.35 6.53 22.90
N ILE B 169 14.37 5.21 23.09
CA ILE B 169 14.55 4.59 24.40
C ILE B 169 15.56 3.46 24.26
N ASP B 170 16.72 3.61 24.91
CA ASP B 170 17.75 2.57 24.95
C ASP B 170 18.22 2.15 23.56
N GLY B 171 18.42 3.13 22.67
CA GLY B 171 19.02 2.87 21.38
C GLY B 171 18.04 2.54 20.27
N LYS B 172 16.76 2.41 20.58
CA LYS B 172 15.71 2.19 19.60
C LYS B 172 14.84 3.43 19.53
N CYS B 173 14.57 3.90 18.32
CA CYS B 173 13.69 5.03 18.12
C CYS B 173 12.37 4.54 17.53
N TYR B 174 11.30 5.22 17.88
CA TYR B 174 9.95 4.79 17.55
C TYR B 174 9.29 5.92 16.77
N ILE B 175 8.89 5.62 15.53
CA ILE B 175 8.30 6.60 14.62
C ILE B 175 6.92 6.09 14.24
N ILE B 176 5.92 6.96 14.27
CA ILE B 176 4.57 6.63 13.83
C ILE B 176 4.40 7.14 12.42
N VAL B 177 3.89 6.28 11.54
CA VAL B 177 3.63 6.64 10.16
C VAL B 177 2.21 6.19 9.85
N ILE B 178 1.69 6.70 8.74
CA ILE B 178 0.39 6.32 8.26
C ILE B 178 0.40 6.42 6.74
N ASP B 179 -0.46 5.66 6.10
CA ASP B 179 -0.56 5.57 4.66
C ASP B 179 -2.01 5.25 4.36
N GLY B 180 -2.59 5.97 3.41
CA GLY B 180 -4.00 5.82 3.13
C GLY B 180 -4.67 7.16 2.92
N PRO B 181 -5.97 7.15 2.64
CA PRO B 181 -6.68 8.40 2.32
C PRO B 181 -6.82 9.33 3.53
N ALA B 182 -6.73 10.63 3.26
CA ALA B 182 -6.90 11.64 4.31
C ALA B 182 -8.32 11.66 4.86
N GLY B 183 -9.31 11.23 4.07
CA GLY B 183 -10.71 11.27 4.48
C GLY B 183 -11.37 9.93 4.70
N GLY B 184 -10.59 8.88 4.93
CA GLY B 184 -11.20 7.60 5.18
C GLY B 184 -10.36 6.75 6.11
N THR B 185 -10.65 5.45 6.15
CA THR B 185 -9.84 4.54 6.94
C THR B 185 -8.40 4.51 6.44
N ALA B 186 -7.46 4.59 7.36
CA ALA B 186 -6.04 4.57 7.03
C ALA B 186 -5.32 4.07 8.26
N THR B 187 -4.47 3.03 8.10
CA THR B 187 -4.08 2.51 9.40
C THR B 187 -2.66 2.93 9.76
N PRO B 188 -2.45 3.40 10.98
CA PRO B 188 -1.13 3.84 11.40
C PRO B 188 -0.23 2.67 11.79
N LYS B 189 1.07 2.93 11.72
CA LYS B 189 2.07 1.91 11.96
C LYS B 189 3.24 2.49 12.75
N VAL B 190 3.76 1.70 13.68
CA VAL B 190 4.93 2.06 14.47
C VAL B 190 6.17 1.45 13.84
N LEU B 191 7.16 2.29 13.50
CA LEU B 191 8.47 1.83 13.05
C LEU B 191 9.46 1.87 14.21
N VAL B 192 10.20 0.77 14.38
CA VAL B 192 11.26 0.66 15.38
C VAL B 192 12.57 0.72 14.63
N THR B 193 13.40 1.69 14.96
CA THR B 193 14.63 1.89 14.22
C THR B 193 15.82 1.77 15.18
N ARG B 194 16.91 1.25 14.66
CA ARG B 194 18.17 1.17 15.38
C ARG B 194 19.23 1.72 14.44
N GLU B 195 19.89 2.79 14.87
CA GLU B 195 20.83 3.52 14.03
C GLU B 195 20.25 3.86 12.65
N GLY B 196 18.99 4.31 12.62
CA GLY B 196 18.35 4.69 11.37
C GLY B 196 17.81 3.54 10.53
N GLU B 197 18.19 2.30 10.84
CA GLU B 197 17.72 1.14 10.11
C GLU B 197 16.40 0.63 10.71
N VAL B 198 15.38 0.52 9.87
CA VAL B 198 14.08 0.00 10.29
C VAL B 198 14.24 -1.48 10.65
N THR B 199 14.20 -1.81 11.94
CA THR B 199 14.43 -3.18 12.35
C THR B 199 13.15 -3.97 12.60
N SER B 200 12.01 -3.32 12.86
CA SER B 200 10.73 -4.03 12.91
C SER B 200 9.58 -3.04 12.79
N GLU B 201 8.38 -3.58 12.65
CA GLU B 201 7.14 -2.82 12.62
C GLU B 201 6.24 -3.33 13.73
N ILE B 202 5.71 -2.41 14.54
CA ILE B 202 4.71 -2.76 15.54
C ILE B 202 3.33 -2.45 14.98
N ILE B 203 2.47 -3.47 14.97
CA ILE B 203 1.09 -3.27 14.54
C ILE B 203 0.31 -2.54 15.63
N VAL B 204 -0.46 -1.54 15.23
CA VAL B 204 -1.32 -0.80 16.15
C VAL B 204 -2.68 -1.51 16.24
N THR B 205 -2.98 -2.11 17.40
CA THR B 205 -4.24 -2.82 17.58
C THR B 205 -5.32 -1.87 18.10
N GLY B 206 -6.51 -2.42 18.38
CA GLY B 206 -7.57 -1.62 18.97
C GLY B 206 -8.19 -0.65 17.97
N ARG B 207 -8.47 0.56 18.43
CA ARG B 207 -9.08 1.60 17.61
C ARG B 207 -8.02 2.16 16.67
N ASN B 208 -7.92 1.62 15.45
CA ASN B 208 -6.76 1.87 14.61
C ASN B 208 -7.13 2.36 13.22
N LYS B 209 -8.28 2.97 13.05
CA LYS B 209 -8.75 3.25 11.71
C LYS B 209 -8.34 4.64 11.22
N MET B 210 -7.65 5.40 12.07
CA MET B 210 -7.09 6.70 11.69
C MET B 210 -6.00 7.01 12.70
N GLY B 211 -5.31 8.13 12.50
CA GLY B 211 -4.26 8.52 13.41
C GLY B 211 -3.11 9.20 12.71
N GLU B 212 -3.32 10.45 12.28
CA GLU B 212 -2.32 11.25 11.60
C GLU B 212 -1.54 12.10 12.59
N GLU B 213 -0.34 12.52 12.16
CA GLU B 213 0.44 13.60 12.78
C GLU B 213 0.53 13.47 14.30
N CYS B 214 1.03 12.32 14.77
CA CYS B 214 1.06 12.03 16.19
C CYS B 214 2.17 12.81 16.91
N SER B 215 1.83 13.34 18.09
CA SER B 215 2.80 13.92 19.02
C SER B 215 3.03 12.90 20.14
N CYS B 216 4.30 12.53 20.37
CA CYS B 216 4.61 11.40 21.22
C CYS B 216 5.60 11.76 22.33
N LEU B 217 5.33 11.22 23.53
CA LEU B 217 6.21 11.36 24.68
C LEU B 217 6.19 10.05 25.47
N ALA B 218 7.31 9.76 26.13
CA ALA B 218 7.32 8.64 27.05
C ALA B 218 6.47 8.96 28.27
N THR B 219 5.66 7.98 28.69
CA THR B 219 4.81 8.13 29.88
C THR B 219 5.43 7.51 31.13
N ASN B 220 6.44 6.67 30.95
CA ASN B 220 7.32 6.24 32.04
C ASN B 220 8.58 5.68 31.39
N ARG B 221 9.26 4.80 32.12
CA ARG B 221 10.57 4.29 31.70
C ARG B 221 10.49 3.45 30.43
N THR B 222 9.33 2.89 30.10
CA THR B 222 9.26 1.92 29.00
C THR B 222 8.08 2.11 28.05
N TRP B 223 7.18 3.06 28.29
CA TRP B 223 5.97 3.23 27.51
C TRP B 223 5.91 4.59 26.84
N ILE B 224 5.30 4.64 25.65
CA ILE B 224 5.14 5.87 24.90
C ILE B 224 3.66 6.12 24.70
N GLU B 225 3.24 7.39 24.80
CA GLU B 225 1.88 7.80 24.50
C GLU B 225 1.90 8.81 23.37
N CYS B 226 1.02 8.61 22.38
CA CYS B 226 0.92 9.49 21.23
C CYS B 226 -0.49 10.06 21.12
N LEU B 227 -0.58 11.36 20.93
CA LEU B 227 -1.83 12.05 20.68
C LEU B 227 -1.90 12.36 19.19
N CYS B 228 -2.94 11.87 18.50
CA CYS B 228 -2.95 11.97 17.05
C CYS B 228 -4.16 12.75 16.56
N ARG B 229 -4.30 12.78 15.24
CA ARG B 229 -5.37 13.47 14.53
C ARG B 229 -6.20 12.44 13.76
N ASP B 230 -7.50 12.38 14.04
CA ASP B 230 -8.43 11.63 13.20
C ASP B 230 -9.01 12.59 12.18
N ASN B 231 -8.59 12.48 10.93
CA ASN B 231 -8.97 13.44 9.92
C ASN B 231 -10.32 13.15 9.27
N ALA B 232 -11.02 12.07 9.67
CA ALA B 232 -12.21 11.71 8.91
C ALA B 232 -13.43 11.40 9.77
N PHE B 233 -13.23 10.87 10.99
CA PHE B 233 -14.32 10.24 11.71
C PHE B 233 -14.74 10.92 13.01
N SER B 234 -13.85 11.68 13.65
CA SER B 234 -14.12 12.10 15.02
C SER B 234 -13.39 13.39 15.38
N ALA B 235 -14.08 14.24 16.12
CA ALA B 235 -13.40 15.38 16.74
C ALA B 235 -12.64 15.00 18.00
N LYS B 236 -12.80 13.78 18.51
CA LYS B 236 -11.93 13.28 19.56
C LYS B 236 -10.60 12.87 18.99
N ARG B 237 -9.55 13.11 19.73
CA ARG B 237 -8.26 12.69 19.20
C ARG B 237 -8.02 11.23 19.54
N PRO B 238 -7.42 10.49 18.62
CA PRO B 238 -6.98 9.14 18.95
C PRO B 238 -5.69 9.19 19.77
N ILE B 239 -5.51 8.18 20.60
CA ILE B 239 -4.30 8.00 21.41
C ILE B 239 -3.72 6.62 21.08
N ILE B 240 -2.42 6.56 20.87
CA ILE B 240 -1.68 5.32 20.67
C ILE B 240 -0.71 5.16 21.83
N ARG B 241 -0.70 3.98 22.44
CA ARG B 241 0.28 3.63 23.46
C ARG B 241 1.17 2.50 22.95
N ILE B 242 2.46 2.61 23.26
CA ILE B 242 3.45 1.64 22.83
C ILE B 242 4.12 1.08 24.06
N ASP B 243 4.09 -0.24 24.21
CA ASP B 243 4.93 -0.96 25.16
C ASP B 243 6.22 -1.32 24.43
N THR B 244 7.32 -0.66 24.80
CA THR B 244 8.57 -0.91 24.08
C THR B 244 9.22 -2.24 24.47
N VAL B 245 8.95 -2.75 25.67
CA VAL B 245 9.51 -4.04 26.06
C VAL B 245 8.75 -5.18 25.39
N ALA B 246 7.43 -5.22 25.58
CA ALA B 246 6.63 -6.19 24.86
C ALA B 246 6.63 -5.94 23.35
N GLY B 247 6.93 -4.72 22.91
CA GLY B 247 6.90 -4.43 21.49
C GLY B 247 5.50 -4.49 20.93
N THR B 248 4.54 -3.88 21.62
CA THR B 248 3.16 -3.81 21.18
C THR B 248 2.67 -2.36 21.15
N ALA B 249 1.57 -2.14 20.43
CA ALA B 249 0.94 -0.83 20.41
C ALA B 249 -0.57 -1.01 20.28
N ARG B 250 -1.30 -0.11 20.92
CA ARG B 250 -2.76 -0.15 20.92
C ARG B 250 -3.30 1.26 20.78
N GLY B 251 -4.35 1.41 19.98
CA GLY B 251 -5.03 2.68 19.79
C GLY B 251 -6.32 2.82 20.58
N TYR B 252 -6.64 4.06 20.95
CA TYR B 252 -7.84 4.44 21.71
C TYR B 252 -8.39 5.75 21.17
N LEU B 253 -9.59 6.09 21.60
CA LEU B 253 -10.12 7.43 21.44
C LEU B 253 -10.09 8.13 22.78
N MET B 254 -9.54 9.34 22.80
CA MET B 254 -9.61 10.15 24.01
C MET B 254 -11.06 10.36 24.42
N CYS B 255 -11.34 10.05 25.67
CA CYS B 255 -12.71 9.93 26.14
C CYS B 255 -13.26 11.23 26.70
N SER B 256 -12.43 12.25 26.90
CA SER B 256 -12.84 13.44 27.64
C SER B 256 -13.89 14.26 26.88
N ASP B 257 -14.85 14.83 27.63
CA ASP B 257 -15.84 15.74 27.04
C ASP B 257 -15.18 16.95 26.38
N THR B 258 -13.95 17.29 26.78
CA THR B 258 -13.23 18.41 26.20
C THR B 258 -12.57 17.93 24.91
N TYR B 259 -13.31 17.98 23.81
CA TYR B 259 -12.79 17.47 22.55
C TYR B 259 -11.68 18.38 22.04
N LEU B 260 -10.58 17.79 21.58
CA LEU B 260 -9.37 18.56 21.35
C LEU B 260 -9.11 18.89 19.88
N ASP B 261 -9.82 18.29 18.93
CA ASP B 261 -9.56 18.58 17.52
C ASP B 261 -10.38 19.80 17.07
N THR B 262 -10.09 20.28 15.86
CA THR B 262 -10.77 21.42 15.24
C THR B 262 -11.03 21.08 13.77
N PRO B 263 -12.28 21.15 13.29
CA PRO B 263 -13.51 21.50 14.03
C PRO B 263 -13.99 20.41 14.99
N ARG B 264 -14.94 20.78 15.83
CA ARG B 264 -15.44 19.92 16.89
C ARG B 264 -16.83 20.38 17.25
N PRO B 265 -17.71 19.48 17.65
CA PRO B 265 -19.01 19.88 18.20
C PRO B 265 -18.83 20.42 19.61
N ALA B 266 -19.95 20.81 20.22
CA ALA B 266 -19.92 21.31 21.59
C ALA B 266 -19.42 20.24 22.56
N ASP B 267 -18.83 20.70 23.66
CA ASP B 267 -18.22 19.80 24.64
C ASP B 267 -19.25 18.85 25.24
N GLY B 268 -18.88 17.58 25.36
CA GLY B 268 -19.73 16.55 25.95
C GLY B 268 -20.95 16.14 25.15
N SER B 269 -21.09 16.59 23.90
CA SER B 269 -22.28 16.34 23.10
C SER B 269 -22.21 15.05 22.28
N ILE B 270 -21.06 14.39 22.20
CA ILE B 270 -20.99 13.09 21.55
C ILE B 270 -21.52 12.06 22.55
N THR B 271 -22.57 11.35 22.17
CA THR B 271 -23.30 10.47 23.08
C THR B 271 -22.82 9.04 22.91
N GLY B 272 -22.47 8.39 24.02
CA GLY B 272 -22.11 6.99 24.00
C GLY B 272 -20.84 6.73 24.79
N SER B 273 -20.21 5.60 24.49
CA SER B 273 -19.04 5.14 25.22
C SER B 273 -17.79 5.87 24.73
N CYS B 274 -16.61 5.43 25.21
CA CYS B 274 -15.37 6.10 24.86
C CYS B 274 -15.04 5.92 23.38
N GLU B 275 -15.50 4.84 22.77
CA GLU B 275 -15.15 4.52 21.38
C GLU B 275 -16.01 5.27 20.37
N THR B 276 -17.13 5.87 20.79
CA THR B 276 -18.06 6.51 19.86
C THR B 276 -17.42 7.68 19.11
N ASP B 277 -17.62 7.70 17.78
CA ASP B 277 -17.05 8.73 16.91
C ASP B 277 -17.75 10.07 17.08
N GLY B 278 -19.08 10.06 17.08
CA GLY B 278 -19.84 11.28 16.91
C GLY B 278 -20.20 11.51 15.44
N THR B 279 -21.18 12.39 15.25
CA THR B 279 -21.72 12.62 13.91
C THR B 279 -20.73 13.34 13.01
N SER B 280 -19.98 14.29 13.58
CA SER B 280 -19.09 15.14 12.80
C SER B 280 -17.82 14.38 12.42
N GLY B 281 -16.67 15.00 12.67
CA GLY B 281 -15.40 14.32 12.58
C GLY B 281 -14.56 14.67 11.37
N GLY B 282 -15.16 15.27 10.34
CA GLY B 282 -14.42 15.57 9.12
C GLY B 282 -13.49 16.76 9.31
N GLY B 283 -12.24 16.61 8.88
CA GLY B 283 -11.23 17.62 9.14
C GLY B 283 -10.44 17.35 10.40
N GLY B 284 -9.54 18.26 10.71
CA GLY B 284 -8.70 18.10 11.88
C GLY B 284 -7.45 18.94 11.77
N VAL B 285 -6.64 18.87 12.84
CA VAL B 285 -5.40 19.63 12.94
C VAL B 285 -4.46 18.89 13.87
N LYS B 286 -3.15 19.06 13.67
CA LYS B 286 -2.20 18.42 14.57
C LYS B 286 -2.29 19.01 15.98
N GLY B 287 -2.44 18.15 16.98
CA GLY B 287 -2.49 18.55 18.37
C GLY B 287 -1.27 18.10 19.15
N ALA B 288 -1.23 18.51 20.42
CA ALA B 288 -0.05 18.29 21.26
C ALA B 288 -0.44 18.16 22.72
N PHE B 289 0.43 17.52 23.50
CA PHE B 289 0.27 17.48 24.94
C PHE B 289 1.64 17.52 25.60
N ALA B 290 1.65 17.76 26.90
CA ALA B 290 2.84 17.58 27.73
C ALA B 290 2.42 16.83 28.98
N LEU B 291 3.36 16.50 29.86
CA LEU B 291 3.00 15.69 31.02
C LEU B 291 4.05 15.82 32.13
N SER B 292 3.67 15.33 33.31
CA SER B 292 4.57 15.06 34.43
C SER B 292 4.66 13.55 34.63
N ARG B 293 5.83 13.05 34.99
CA ARG B 293 5.94 11.60 35.21
C ARG B 293 7.03 11.30 36.23
N THR B 294 6.91 10.13 36.84
CA THR B 294 8.00 9.48 37.55
C THR B 294 8.59 8.43 36.60
N THR B 295 9.47 7.57 37.12
CA THR B 295 9.97 6.46 36.29
C THR B 295 8.91 5.39 36.08
N GLU B 296 7.83 5.41 36.86
CA GLU B 296 6.76 4.43 36.90
C GLU B 296 5.49 4.84 36.17
N ALA B 297 5.11 6.12 36.25
CA ALA B 297 3.80 6.49 35.75
C ALA B 297 3.75 7.98 35.42
N THR B 298 2.78 8.34 34.59
CA THR B 298 2.46 9.74 34.37
C THR B 298 1.53 10.22 35.47
N THR B 299 1.84 11.38 36.06
CA THR B 299 1.03 11.92 37.14
C THR B 299 0.12 13.07 36.70
N GLU B 300 0.31 13.62 35.51
CA GLU B 300 -0.51 14.73 35.05
C GLU B 300 -0.28 14.95 33.57
N ARG B 301 -1.30 15.40 32.87
CA ARG B 301 -1.18 15.71 31.45
C ARG B 301 -1.73 17.10 31.18
N PHE B 302 -1.10 17.76 30.22
CA PHE B 302 -1.49 19.09 29.81
C PHE B 302 -1.82 19.03 28.32
N TYR B 303 -2.86 19.75 27.90
CA TYR B 303 -3.37 19.68 26.54
C TYR B 303 -3.65 21.07 25.99
N VAL B 304 -3.62 21.17 24.65
CA VAL B 304 -3.92 22.42 23.96
C VAL B 304 -5.03 22.14 22.95
N ARG B 305 -5.89 23.14 22.75
CA ARG B 305 -6.79 23.15 21.60
C ARG B 305 -7.08 24.60 21.23
N THR B 306 -7.84 24.78 20.16
CA THR B 306 -8.09 26.11 19.65
C THR B 306 -9.19 26.78 20.45
N VAL B 307 -9.16 28.12 20.47
CA VAL B 307 -10.25 28.88 21.06
C VAL B 307 -11.55 28.59 20.33
N SER B 308 -11.51 28.61 19.00
CA SER B 308 -12.70 28.44 18.18
C SER B 308 -12.97 26.96 17.96
N SER B 309 -14.25 26.59 17.96
CA SER B 309 -14.60 25.20 17.66
C SER B 309 -14.83 24.95 16.19
N SER B 310 -14.81 25.98 15.34
CA SER B 310 -14.94 25.79 13.91
C SER B 310 -13.72 26.22 13.12
N ALA B 311 -12.83 27.05 13.68
CA ALA B 311 -11.72 27.61 12.92
C ALA B 311 -10.42 27.41 13.67
N ARG B 312 -9.32 27.43 12.92
CA ARG B 312 -7.98 27.30 13.51
C ARG B 312 -7.53 28.67 13.98
N SER B 313 -8.08 29.09 15.11
CA SER B 313 -7.69 30.33 15.73
C SER B 313 -7.70 30.15 17.23
N GLY B 314 -6.67 30.69 17.88
CA GLY B 314 -6.51 30.62 19.31
C GLY B 314 -5.83 29.35 19.80
N ALA B 315 -5.37 29.42 21.04
CA ALA B 315 -4.79 28.28 21.74
C ALA B 315 -5.21 28.40 23.20
N VAL B 316 -5.83 27.35 23.71
CA VAL B 316 -6.21 27.25 25.11
C VAL B 316 -5.56 26.01 25.70
N PHE B 317 -4.98 26.15 26.90
CA PHE B 317 -4.34 25.06 27.62
C PHE B 317 -5.29 24.45 28.64
N TYR B 318 -5.23 23.12 28.81
CA TYR B 318 -6.00 22.37 29.79
C TYR B 318 -5.09 21.33 30.44
N LYS B 319 -5.57 20.72 31.53
CA LYS B 319 -4.81 19.71 32.25
C LYS B 319 -5.75 18.70 32.90
N THR B 320 -5.19 17.54 33.23
CA THR B 320 -5.93 16.49 33.90
C THR B 320 -4.94 15.53 34.53
N THR B 321 -5.35 14.98 35.69
CA THR B 321 -4.70 13.83 36.31
C THR B 321 -5.43 12.53 36.04
N ASP B 322 -6.44 12.55 35.17
CA ASP B 322 -7.18 11.35 34.81
C ASP B 322 -6.47 10.60 33.68
N ASP B 323 -6.83 9.33 33.53
CA ASP B 323 -6.39 8.55 32.39
C ASP B 323 -7.18 8.97 31.16
N PRO B 324 -6.55 9.56 30.14
CA PRO B 324 -7.32 10.09 29.01
C PRO B 324 -8.05 9.03 28.20
N THR B 325 -7.70 7.74 28.31
CA THR B 325 -8.42 6.73 27.53
C THR B 325 -9.62 6.14 28.25
N GLU B 326 -9.91 6.57 29.48
CA GLU B 326 -10.96 5.92 30.27
C GLU B 326 -11.94 6.89 30.93
N SER B 327 -11.59 8.15 31.14
CA SER B 327 -12.42 9.10 31.85
C SER B 327 -13.10 10.05 30.88
N ASN B 328 -14.39 10.31 31.10
CA ASN B 328 -15.04 11.28 30.22
C ASN B 328 -15.06 12.67 30.82
N ASN B 329 -14.47 12.85 32.00
CA ASN B 329 -14.57 14.13 32.70
C ASN B 329 -13.98 15.25 31.88
N PRO B 330 -14.57 16.44 31.92
CA PRO B 330 -13.96 17.62 31.33
C PRO B 330 -12.55 17.84 31.86
N LEU B 331 -11.66 18.34 30.99
CA LEU B 331 -10.34 18.74 31.41
C LEU B 331 -10.40 20.08 32.16
N THR B 332 -9.35 20.39 32.91
CA THR B 332 -9.32 21.58 33.74
C THR B 332 -8.67 22.73 32.97
N LEU B 333 -9.38 23.86 32.89
CA LEU B 333 -8.87 25.02 32.18
C LEU B 333 -7.64 25.59 32.88
N ILE B 334 -6.55 25.73 32.14
CA ILE B 334 -5.36 26.47 32.58
C ILE B 334 -5.41 27.91 32.13
N GLY B 335 -5.75 28.15 30.87
CA GLY B 335 -5.97 29.50 30.39
C GLY B 335 -5.59 29.63 28.92
N THR B 336 -5.74 30.87 28.45
CA THR B 336 -5.56 31.19 27.04
C THR B 336 -4.12 31.58 26.76
N ALA B 337 -3.43 30.78 25.94
CA ALA B 337 -2.07 31.03 25.55
C ALA B 337 -1.97 31.89 24.30
N VAL B 338 -2.97 31.82 23.42
CA VAL B 338 -2.99 32.62 22.21
C VAL B 338 -4.42 33.12 22.03
N GLY B 339 -4.59 34.43 21.90
CA GLY B 339 -5.93 34.99 21.80
C GLY B 339 -6.69 34.49 20.60
N GLY B 340 -8.03 34.51 20.72
CA GLY B 340 -8.92 33.90 19.73
C GLY B 340 -8.91 34.59 18.39
N ALA B 341 -8.39 35.81 18.32
CA ALA B 341 -8.27 36.54 17.07
C ALA B 341 -7.01 36.20 16.29
N ILE B 342 -6.16 35.32 16.80
CA ILE B 342 -4.84 35.06 16.23
C ILE B 342 -4.85 33.66 15.62
N PRO B 343 -4.54 33.50 14.33
CA PRO B 343 -4.49 32.16 13.74
C PRO B 343 -3.49 31.28 14.47
N MET B 344 -3.93 30.06 14.78
CA MET B 344 -3.13 29.04 15.45
C MET B 344 -3.34 27.73 14.71
N TRP B 345 -2.25 27.10 14.25
CA TRP B 345 -2.37 25.91 13.40
C TRP B 345 -1.91 24.64 14.12
N TYR B 346 -0.81 24.03 13.68
CA TYR B 346 -0.29 22.85 14.38
C TYR B 346 0.26 23.22 15.75
N SER B 347 0.25 22.24 16.64
CA SER B 347 1.08 22.30 17.84
C SER B 347 1.84 20.99 17.95
N PHE B 348 2.89 20.99 18.76
CA PHE B 348 3.77 19.83 18.81
C PHE B 348 4.29 19.63 20.21
N SER B 349 4.56 18.35 20.54
CA SER B 349 5.14 17.93 21.80
C SER B 349 6.65 17.76 21.64
N PHE B 350 7.39 18.09 22.68
CA PHE B 350 8.78 17.65 22.73
C PHE B 350 9.26 17.63 24.17
N GLU B 351 10.42 17.02 24.36
CA GLU B 351 11.01 16.78 25.66
C GLU B 351 12.45 17.25 25.65
N ILE B 352 12.84 17.96 26.71
CA ILE B 352 14.20 18.44 26.85
C ILE B 352 14.92 17.52 27.84
N PRO B 353 15.84 16.69 27.38
CA PRO B 353 16.53 15.78 28.30
C PRO B 353 17.50 16.55 29.20
N GLY B 354 17.68 16.05 30.41
CA GLY B 354 18.51 16.71 31.39
C GLY B 354 19.37 15.72 32.15
N LYS B 355 20.29 16.28 32.92
CA LYS B 355 21.21 15.46 33.70
C LYS B 355 20.53 14.85 34.91
N VAL B 356 19.51 15.52 35.47
CA VAL B 356 18.85 14.96 36.65
C VAL B 356 17.37 14.69 36.40
N CYS B 357 16.72 15.51 35.57
CA CYS B 357 15.31 15.30 35.28
C CYS B 357 15.03 15.78 33.86
N ASP B 358 13.95 15.27 33.28
CA ASP B 358 13.53 15.68 31.95
C ASP B 358 12.41 16.71 32.06
N GLN B 359 12.13 17.40 30.95
CA GLN B 359 11.06 18.37 30.95
C GLN B 359 10.33 18.31 29.62
N THR B 360 9.00 18.33 29.66
CA THR B 360 8.22 18.28 28.42
C THR B 360 7.60 19.63 28.12
N CYS B 361 7.36 19.88 26.85
CA CYS B 361 6.93 21.20 26.41
C CYS B 361 5.98 21.05 25.25
N ILE B 362 5.25 22.14 24.99
CA ILE B 362 4.34 22.24 23.86
C ILE B 362 4.81 23.42 23.01
N GLY B 363 4.87 23.22 21.70
CA GLY B 363 5.16 24.29 20.75
C GLY B 363 3.90 24.62 19.98
N LEU B 364 3.77 25.90 19.57
CA LEU B 364 2.57 26.37 18.89
C LEU B 364 2.95 27.04 17.57
N GLU B 365 2.37 26.56 16.47
CA GLU B 365 2.59 27.16 15.15
C GLU B 365 1.55 28.28 14.95
N MET B 366 1.95 29.52 15.25
CA MET B 366 1.09 30.66 14.99
C MET B 366 1.19 31.06 13.53
N GLY B 367 0.12 30.84 12.77
CA GLY B 367 0.21 30.89 11.33
C GLY B 367 0.06 32.28 10.73
N LEU B 368 0.74 32.48 9.60
CA LEU B 368 0.78 33.74 8.88
C LEU B 368 0.60 33.43 7.40
N THR B 369 -0.38 34.05 6.77
CA THR B 369 -0.62 33.78 5.37
C THR B 369 -1.33 34.95 4.72
N MET B 370 -0.97 35.23 3.47
CA MET B 370 -1.63 36.26 2.69
C MET B 370 -2.97 35.80 2.16
N GLY B 371 -3.28 34.50 2.23
CA GLY B 371 -4.53 33.94 1.78
C GLY B 371 -4.36 32.58 1.08
N HIS B 372 -5.47 32.14 0.49
CA HIS B 372 -5.55 30.86 -0.21
C HIS B 372 -4.56 30.82 -1.37
N GLN B 373 -3.71 29.78 -1.38
CA GLN B 373 -2.69 29.56 -2.41
C GLN B 373 -1.75 30.76 -2.56
N LEU B 374 -1.54 31.51 -1.48
CA LEU B 374 -0.54 32.57 -1.43
C LEU B 374 0.45 32.26 -0.31
N TRP B 375 1.40 33.17 -0.15
CA TRP B 375 2.49 33.07 0.81
C TRP B 375 2.03 32.63 2.21
N THR B 376 2.76 31.68 2.78
CA THR B 376 2.35 31.01 4.01
C THR B 376 3.58 30.67 4.84
N SER B 377 3.56 31.06 6.11
CA SER B 377 4.62 30.66 7.03
C SER B 377 4.08 30.71 8.46
N ASN B 378 4.94 31.06 9.42
CA ASN B 378 4.49 30.99 10.80
C ASN B 378 5.46 31.70 11.74
N SER B 379 5.03 31.77 13.00
CA SER B 379 5.82 32.04 14.18
C SER B 379 5.59 30.89 15.16
N VAL B 380 6.60 30.57 15.96
CA VAL B 380 6.56 29.45 16.90
C VAL B 380 6.71 29.98 18.32
N ALA B 381 5.72 29.70 19.17
CA ALA B 381 5.82 29.96 20.60
C ALA B 381 5.99 28.63 21.36
N VAL B 382 6.80 28.65 22.42
CA VAL B 382 7.12 27.47 23.20
C VAL B 382 6.65 27.66 24.63
N TYR B 383 5.96 26.65 25.18
CA TYR B 383 5.52 26.61 26.56
C TYR B 383 5.93 25.28 27.18
N CYS B 384 6.47 25.35 28.39
CA CYS B 384 7.05 24.18 29.05
C CYS B 384 6.36 23.94 30.39
N VAL B 385 6.48 22.72 30.88
CA VAL B 385 5.84 22.32 32.14
C VAL B 385 6.69 22.79 33.31
N ILE B 386 6.21 23.81 34.02
CA ILE B 386 6.93 24.44 35.11
C ILE B 386 5.94 25.38 35.79
N GLY B 387 6.16 25.68 37.07
CA GLY B 387 5.40 26.69 37.80
C GLY B 387 4.02 26.19 38.20
N ASP B 388 3.16 27.17 38.53
CA ASP B 388 1.82 26.89 39.03
C ASP B 388 0.69 27.54 38.25
N ASN B 389 0.96 28.56 37.44
CA ASN B 389 -0.05 29.21 36.62
C ASN B 389 0.55 29.64 35.30
N LEU B 390 -0.31 29.82 34.31
CA LEU B 390 0.12 30.36 33.03
C LEU B 390 0.60 31.81 33.20
N ASP B 391 1.78 32.11 32.67
CA ASP B 391 2.34 33.45 32.88
C ASP B 391 1.76 34.48 31.91
N TRP B 392 1.67 34.17 30.61
CA TRP B 392 1.24 35.17 29.63
C TRP B 392 0.85 34.51 28.32
N ASP B 393 0.01 35.21 27.55
CA ASP B 393 -0.32 34.76 26.21
C ASP B 393 0.65 35.34 25.18
N SER B 394 0.62 34.77 23.99
CA SER B 394 1.53 35.11 22.91
C SER B 394 0.78 35.78 21.75
N THR B 395 1.48 36.68 21.06
CA THR B 395 1.00 37.36 19.88
C THR B 395 2.11 37.31 18.83
N THR B 396 1.77 37.53 17.57
CA THR B 396 2.85 37.61 16.58
C THR B 396 3.22 39.03 16.21
N ASP B 397 2.23 39.94 16.19
CA ASP B 397 2.43 41.32 15.72
C ASP B 397 3.03 41.38 14.31
N VAL B 398 2.66 40.43 13.46
CA VAL B 398 3.05 40.45 12.06
C VAL B 398 1.77 40.54 11.25
N VAL B 399 1.67 41.56 10.40
CA VAL B 399 0.59 41.67 9.41
C VAL B 399 1.14 41.15 8.08
N PRO B 400 0.59 40.05 7.55
CA PRO B 400 1.17 39.47 6.32
C PRO B 400 1.15 40.40 5.12
N ALA B 401 0.20 41.35 5.06
CA ALA B 401 0.24 42.38 4.03
C ALA B 401 1.49 43.27 4.13
N ASP B 402 2.17 43.27 5.28
CA ASP B 402 3.40 44.03 5.42
C ASP B 402 4.63 43.27 4.93
N ILE B 403 4.53 41.95 4.75
CA ILE B 403 5.66 41.14 4.25
C ILE B 403 5.91 41.51 2.79
N VAL B 404 7.14 41.96 2.49
CA VAL B 404 7.46 42.40 1.12
C VAL B 404 8.27 41.34 0.37
#